data_2HGN
#
_entry.id   2HGN
#
_cell.length_a   1.000
_cell.length_b   1.000
_cell.length_c   1.000
_cell.angle_alpha   90.00
_cell.angle_beta   90.00
_cell.angle_gamma   90.00
#
_symmetry.space_group_name_H-M   'P 1'
#
_entity_poly.entity_id   1
_entity_poly.type   'polypeptide(L)'
_entity_poly.pdbx_seq_one_letter_code
;MGSSHHHHHHSSGLVPRGSHMASMTGGQQMGRGSGDSEFTVQSTTGHCVHMRGLPYKATENDIYNFFSPLNPVRVHIEIG
PDGRVTGEADVEFATHEEAVAAMSKDRANMQHRYIELFLNSTTGASNGAYSSQVMQGMG
;
_entity_poly.pdbx_strand_id   A
#
# COMPACT_ATOMS: atom_id res chain seq x y z
N THR A 45 12.19 -1.54 -8.45
CA THR A 45 11.77 -0.31 -9.16
C THR A 45 11.86 0.94 -8.30
N GLY A 46 11.30 0.98 -7.08
CA GLY A 46 11.26 2.16 -6.21
C GLY A 46 11.67 1.91 -4.75
N HIS A 47 11.23 2.81 -3.87
CA HIS A 47 10.93 2.48 -2.46
C HIS A 47 10.02 1.24 -2.36
N CYS A 48 9.69 0.70 -1.18
CA CYS A 48 8.40 -0.01 -1.05
C CYS A 48 7.74 -0.03 0.35
N VAL A 49 6.41 -0.30 0.35
CA VAL A 49 5.56 -0.30 1.55
C VAL A 49 4.57 -1.45 1.54
N HIS A 50 4.43 -2.09 2.69
CA HIS A 50 3.70 -3.34 2.89
C HIS A 50 2.32 -3.10 3.52
N MET A 51 1.41 -4.04 3.27
CA MET A 51 -0.01 -4.00 3.62
C MET A 51 -0.45 -5.42 3.95
N ARG A 52 -1.06 -5.65 5.12
CA ARG A 52 -1.78 -6.91 5.39
C ARG A 52 -3.15 -6.69 6.01
N GLY A 53 -4.15 -7.39 5.48
CA GLY A 53 -5.55 -7.38 5.93
C GLY A 53 -6.54 -6.91 4.87
N LEU A 54 -6.13 -6.78 3.59
CA LEU A 54 -6.93 -6.10 2.56
C LEU A 54 -8.32 -6.75 2.32
N PRO A 55 -9.32 -5.92 1.94
CA PRO A 55 -10.71 -6.34 1.74
C PRO A 55 -11.02 -7.02 0.40
N TYR A 56 -12.27 -7.48 0.25
CA TYR A 56 -12.85 -8.11 -0.95
C TYR A 56 -12.99 -7.21 -2.21
N LYS A 57 -12.59 -5.93 -2.12
CA LYS A 57 -12.48 -4.98 -3.25
C LYS A 57 -11.06 -4.44 -3.47
N ALA A 58 -10.04 -5.07 -2.88
CA ALA A 58 -8.64 -4.78 -3.14
C ALA A 58 -8.27 -4.85 -4.64
N THR A 59 -7.62 -3.78 -5.09
CA THR A 59 -6.95 -3.62 -6.38
C THR A 59 -5.67 -2.84 -6.17
N GLU A 60 -4.72 -2.93 -7.10
CA GLU A 60 -3.52 -2.11 -7.02
C GLU A 60 -3.82 -0.62 -6.88
N ASN A 61 -4.67 -0.04 -7.72
CA ASN A 61 -4.98 1.37 -7.65
C ASN A 61 -5.82 1.73 -6.43
N ASP A 62 -6.66 0.79 -6.01
CA ASP A 62 -7.42 0.89 -4.77
C ASP A 62 -6.49 1.13 -3.58
N ILE A 63 -5.46 0.29 -3.45
CA ILE A 63 -4.61 0.28 -2.27
C ILE A 63 -3.74 1.52 -2.17
N TYR A 64 -3.20 2.00 -3.30
CA TYR A 64 -2.24 3.08 -3.22
C TYR A 64 -2.89 4.45 -3.21
N ASN A 65 -4.07 4.56 -3.80
CA ASN A 65 -4.81 5.83 -3.75
C ASN A 65 -5.47 6.09 -2.38
N PHE A 66 -5.61 5.06 -1.54
CA PHE A 66 -6.00 5.26 -0.14
C PHE A 66 -4.79 5.47 0.76
N PHE A 67 -3.65 4.78 0.53
CA PHE A 67 -2.37 5.03 1.24
C PHE A 67 -2.08 6.52 1.35
N SER A 68 -2.33 7.24 0.26
CA SER A 68 -2.75 8.64 0.14
C SER A 68 -2.96 9.00 -1.35
N PRO A 69 -3.21 10.26 -1.75
CA PRO A 69 -3.09 10.73 -3.14
C PRO A 69 -1.71 10.55 -3.85
N LEU A 70 -0.96 9.52 -3.49
CA LEU A 70 0.39 9.16 -3.89
C LEU A 70 0.49 8.64 -5.33
N ASN A 71 1.72 8.45 -5.81
CA ASN A 71 2.10 7.87 -7.09
C ASN A 71 3.25 6.84 -6.91
N PRO A 72 2.93 5.58 -6.59
CA PRO A 72 3.78 4.43 -6.77
C PRO A 72 4.22 4.38 -8.22
N VAL A 73 5.51 4.26 -8.32
CA VAL A 73 6.24 3.98 -9.56
C VAL A 73 6.13 2.50 -9.93
N ARG A 74 5.58 1.68 -9.00
CA ARG A 74 5.11 0.30 -9.24
C ARG A 74 4.10 -0.15 -8.18
N VAL A 75 3.32 -1.21 -8.44
CA VAL A 75 2.53 -1.94 -7.42
C VAL A 75 2.67 -3.45 -7.66
N HIS A 76 2.61 -4.26 -6.60
CA HIS A 76 2.19 -5.66 -6.69
C HIS A 76 1.02 -5.89 -5.74
N ILE A 77 -0.07 -6.41 -6.30
CA ILE A 77 -1.33 -6.63 -5.60
C ILE A 77 -1.47 -8.15 -5.40
N GLU A 78 -1.54 -8.57 -4.14
CA GLU A 78 -1.26 -9.95 -3.73
C GLU A 78 -2.15 -10.40 -2.56
N ILE A 79 -2.80 -11.55 -2.72
CA ILE A 79 -4.05 -11.93 -2.03
C ILE A 79 -4.22 -13.46 -2.00
N GLY A 80 -5.25 -13.94 -1.27
CA GLY A 80 -5.84 -15.26 -1.42
C GLY A 80 -5.96 -15.83 -2.86
N PRO A 81 -7.12 -15.64 -3.56
CA PRO A 81 -7.37 -16.24 -4.88
C PRO A 81 -7.12 -15.31 -6.09
N ASP A 82 -7.76 -14.13 -6.13
CA ASP A 82 -7.99 -13.34 -7.36
C ASP A 82 -8.10 -11.82 -7.10
N GLY A 83 -7.87 -11.39 -5.86
CA GLY A 83 -8.04 -10.01 -5.36
C GLY A 83 -9.22 -9.79 -4.42
N ARG A 84 -9.55 -10.77 -3.54
CA ARG A 84 -10.77 -10.68 -2.74
C ARG A 84 -10.57 -10.98 -1.24
N VAL A 85 -9.34 -11.30 -0.82
CA VAL A 85 -9.09 -12.09 0.42
C VAL A 85 -7.75 -11.80 1.10
N THR A 86 -7.88 -11.40 2.35
CA THR A 86 -6.87 -11.10 3.39
C THR A 86 -5.68 -10.22 3.03
N GLY A 87 -5.61 -9.76 1.77
CA GLY A 87 -4.48 -9.21 1.01
C GLY A 87 -3.29 -8.54 1.70
N GLU A 88 -2.16 -8.63 1.02
CA GLU A 88 -0.87 -9.01 1.59
C GLU A 88 0.30 -8.39 0.77
N ALA A 89 0.07 -7.17 0.29
CA ALA A 89 0.68 -6.57 -0.88
C ALA A 89 1.87 -5.66 -0.56
N ASP A 90 2.59 -5.24 -1.60
CA ASP A 90 3.62 -4.21 -1.49
C ASP A 90 3.63 -3.29 -2.71
N VAL A 91 4.05 -2.05 -2.47
CA VAL A 91 3.86 -0.95 -3.42
C VAL A 91 5.05 -0.05 -3.39
N GLU A 92 5.44 0.40 -4.57
CA GLU A 92 6.78 0.85 -4.83
C GLU A 92 6.77 2.31 -5.21
N PHE A 93 7.38 3.15 -4.39
CA PHE A 93 7.10 4.59 -4.38
C PHE A 93 8.31 5.45 -4.73
N ALA A 94 8.08 6.75 -4.93
CA ALA A 94 9.09 7.80 -4.96
C ALA A 94 9.53 8.22 -3.55
N THR A 95 10.00 7.25 -2.77
CA THR A 95 11.05 7.32 -1.76
C THR A 95 10.47 7.07 -0.39
N HIS A 96 11.31 6.99 0.64
CA HIS A 96 10.81 6.95 2.00
C HIS A 96 9.87 8.13 2.24
N GLU A 97 10.12 9.29 1.66
CA GLU A 97 9.26 10.47 1.70
C GLU A 97 7.89 10.33 1.01
N GLU A 98 7.76 9.64 -0.13
CA GLU A 98 6.43 9.30 -0.68
C GLU A 98 5.67 8.32 0.22
N ALA A 99 6.40 7.33 0.71
CA ALA A 99 5.90 6.21 1.48
C ALA A 99 5.59 6.51 2.95
N VAL A 100 6.33 7.43 3.54
CA VAL A 100 6.14 7.94 4.91
C VAL A 100 5.00 8.94 4.96
N ALA A 101 4.75 9.60 3.82
CA ALA A 101 3.50 10.32 3.66
C ALA A 101 2.31 9.35 3.55
N ALA A 102 2.54 8.11 3.08
CA ALA A 102 1.58 7.01 3.23
C ALA A 102 1.36 6.59 4.71
N MET A 103 2.40 6.68 5.54
CA MET A 103 2.43 6.40 6.99
C MET A 103 1.77 7.50 7.86
N SER A 104 0.58 7.93 7.46
CA SER A 104 -0.07 9.13 8.00
C SER A 104 -1.51 8.94 8.49
N LYS A 105 -2.11 7.80 8.18
CA LYS A 105 -3.57 7.56 8.26
C LYS A 105 -4.02 6.11 8.43
N ASP A 106 -3.11 5.12 8.32
CA ASP A 106 -3.28 3.67 8.43
C ASP A 106 -4.69 3.03 8.26
N ARG A 107 -5.60 3.22 9.22
CA ARG A 107 -6.97 2.73 9.41
C ARG A 107 -8.03 2.90 8.28
N ALA A 108 -7.65 3.05 7.02
CA ALA A 108 -8.33 4.03 6.16
C ALA A 108 -8.81 3.54 4.79
N ASN A 109 -9.03 2.24 4.67
CA ASN A 109 -9.34 1.58 3.42
C ASN A 109 -10.65 0.80 3.52
N MET A 110 -10.67 -0.11 4.48
CA MET A 110 -11.61 -1.25 4.39
C MET A 110 -12.94 -0.95 5.06
N GLN A 111 -13.80 -0.26 4.30
CA GLN A 111 -15.10 0.26 4.75
C GLN A 111 -14.94 1.33 5.85
N HIS A 112 -13.86 2.14 5.75
CA HIS A 112 -13.25 2.92 6.83
C HIS A 112 -12.96 2.06 8.08
N ARG A 113 -11.72 1.55 8.13
CA ARG A 113 -11.12 0.47 8.96
C ARG A 113 -9.86 -0.05 8.25
N TYR A 114 -9.13 -0.96 8.89
CA TYR A 114 -7.68 -0.88 9.04
C TYR A 114 -6.94 -2.02 8.38
N ILE A 115 -5.71 -1.69 8.01
CA ILE A 115 -4.75 -2.53 7.31
C ILE A 115 -3.38 -2.26 7.95
N GLU A 116 -2.56 -3.31 8.02
CA GLU A 116 -1.18 -3.26 8.49
C GLU A 116 -0.28 -2.53 7.49
N LEU A 117 -0.35 -1.19 7.47
CA LEU A 117 0.43 -0.32 6.63
C LEU A 117 1.78 0.05 7.24
N PHE A 118 2.88 -0.43 6.63
CA PHE A 118 4.23 -0.30 7.19
C PHE A 118 5.34 -0.22 6.12
N LEU A 119 6.24 0.75 6.29
CA LEU A 119 7.46 0.91 5.50
C LEU A 119 8.40 -0.28 5.63
N ASN A 120 9.22 -0.44 4.59
CA ASN A 120 10.29 -1.43 4.56
C ASN A 120 11.50 -0.97 3.71
N SER A 121 11.68 0.36 3.60
CA SER A 121 12.71 0.97 2.73
C SER A 121 13.19 2.37 3.23
N THR A 122 14.08 3.04 2.49
CA THR A 122 15.21 3.80 3.12
C THR A 122 15.50 5.20 2.53
N THR A 123 14.84 5.63 1.44
CA THR A 123 15.29 6.74 0.55
C THR A 123 16.70 6.51 -0.02
N GLY A 124 16.98 5.24 -0.30
CA GLY A 124 18.04 4.77 -1.21
C GLY A 124 17.65 3.51 -2.00
N ALA A 125 16.41 3.33 -2.50
CA ALA A 125 15.24 4.22 -2.46
C ALA A 125 14.35 4.02 -1.22
N THR A 45 11.23 3.80 -7.12
CA THR A 45 11.66 2.41 -7.36
C THR A 45 12.96 2.16 -6.64
N GLY A 46 12.88 1.33 -5.60
CA GLY A 46 13.83 1.27 -4.49
C GLY A 46 13.07 1.21 -3.17
N HIS A 47 12.22 2.21 -2.95
CA HIS A 47 11.21 2.16 -1.90
C HIS A 47 10.10 1.16 -2.21
N CYS A 48 9.66 0.39 -1.20
CA CYS A 48 8.32 -0.19 -1.16
C CYS A 48 7.66 -0.10 0.23
N VAL A 49 6.33 -0.30 0.28
CA VAL A 49 5.55 -0.25 1.53
C VAL A 49 4.52 -1.35 1.59
N HIS A 50 4.50 -2.05 2.71
CA HIS A 50 3.80 -3.31 2.89
C HIS A 50 2.39 -3.08 3.47
N MET A 51 1.48 -3.99 3.14
CA MET A 51 0.07 -3.97 3.47
C MET A 51 -0.40 -5.39 3.79
N ARG A 52 -1.06 -5.58 4.93
CA ARG A 52 -1.72 -6.86 5.27
C ARG A 52 -3.10 -6.67 5.86
N GLY A 53 -4.08 -7.38 5.28
CA GLY A 53 -5.49 -7.39 5.67
C GLY A 53 -6.44 -6.91 4.56
N LEU A 54 -5.96 -6.74 3.32
CA LEU A 54 -6.72 -6.09 2.25
C LEU A 54 -8.09 -6.77 2.00
N PRO A 55 -9.16 -6.02 1.71
CA PRO A 55 -10.51 -6.56 1.51
C PRO A 55 -10.71 -7.18 0.11
N TYR A 56 -11.91 -7.76 -0.10
CA TYR A 56 -12.37 -8.34 -1.36
C TYR A 56 -12.47 -7.34 -2.55
N LYS A 57 -12.49 -6.03 -2.29
CA LYS A 57 -12.46 -4.97 -3.32
C LYS A 57 -11.07 -4.36 -3.57
N ALA A 58 -10.00 -4.93 -3.01
CA ALA A 58 -8.64 -4.51 -3.28
C ALA A 58 -8.30 -4.55 -4.79
N THR A 59 -7.56 -3.55 -5.20
CA THR A 59 -6.86 -3.39 -6.50
C THR A 59 -5.62 -2.58 -6.26
N GLU A 60 -4.66 -2.64 -7.17
CA GLU A 60 -3.45 -1.84 -7.03
C GLU A 60 -3.75 -0.36 -6.90
N ASN A 61 -4.60 0.19 -7.74
CA ASN A 61 -4.96 1.59 -7.66
C ASN A 61 -5.83 1.89 -6.44
N ASP A 62 -6.67 0.94 -6.06
CA ASP A 62 -7.44 1.02 -4.83
C ASP A 62 -6.53 1.23 -3.61
N ILE A 63 -5.46 0.45 -3.51
CA ILE A 63 -4.62 0.43 -2.31
C ILE A 63 -3.75 1.66 -2.19
N TYR A 64 -3.15 2.13 -3.28
CA TYR A 64 -2.20 3.23 -3.14
C TYR A 64 -2.88 4.58 -3.11
N ASN A 65 -4.04 4.70 -3.76
CA ASN A 65 -4.82 5.93 -3.70
C ASN A 65 -5.54 6.08 -2.35
N PHE A 66 -5.75 4.99 -1.61
CA PHE A 66 -6.16 5.10 -0.22
C PHE A 66 -4.93 5.48 0.62
N PHE A 67 -3.79 4.77 0.55
CA PHE A 67 -2.55 5.01 1.33
C PHE A 67 -2.18 6.48 1.49
N SER A 68 -2.43 7.28 0.46
CA SER A 68 -2.83 8.70 0.41
C SER A 68 -2.84 9.15 -1.05
N PRO A 69 -2.96 10.45 -1.31
CA PRO A 69 -2.45 11.10 -2.51
C PRO A 69 -1.00 10.82 -2.98
N LEU A 70 -0.69 9.57 -3.33
CA LEU A 70 0.65 9.08 -3.71
C LEU A 70 0.71 8.52 -5.14
N ASN A 71 1.93 8.24 -5.62
CA ASN A 71 2.26 7.66 -6.93
C ASN A 71 3.37 6.58 -6.80
N PRO A 72 2.98 5.33 -6.47
CA PRO A 72 3.76 4.13 -6.71
C PRO A 72 4.04 4.04 -8.19
N VAL A 73 5.33 4.12 -8.45
CA VAL A 73 5.93 3.85 -9.75
C VAL A 73 5.89 2.36 -10.10
N ARG A 74 5.54 1.52 -9.11
CA ARG A 74 5.16 0.12 -9.27
C ARG A 74 4.19 -0.37 -8.16
N VAL A 75 3.44 -1.45 -8.40
CA VAL A 75 2.61 -2.12 -7.36
C VAL A 75 2.63 -3.63 -7.54
N HIS A 76 2.51 -4.39 -6.45
CA HIS A 76 1.99 -5.77 -6.46
C HIS A 76 0.88 -5.89 -5.41
N ILE A 77 -0.18 -6.64 -5.73
CA ILE A 77 -1.53 -6.49 -5.12
C ILE A 77 -2.06 -7.83 -4.55
N GLU A 78 -1.10 -8.66 -4.23
CA GLU A 78 -1.20 -10.11 -4.03
C GLU A 78 -2.37 -10.60 -3.17
N ILE A 79 -3.26 -11.36 -3.81
CA ILE A 79 -4.38 -12.09 -3.21
C ILE A 79 -4.59 -13.45 -3.88
N GLY A 80 -5.35 -14.28 -3.16
CA GLY A 80 -6.04 -15.50 -3.57
C GLY A 80 -6.37 -15.68 -5.07
N PRO A 81 -7.61 -15.32 -5.50
CA PRO A 81 -8.01 -15.25 -6.91
C PRO A 81 -7.18 -14.27 -7.74
N ASP A 82 -7.08 -13.05 -7.20
CA ASP A 82 -6.86 -11.82 -7.98
C ASP A 82 -6.77 -10.56 -7.10
N GLY A 83 -7.60 -10.49 -6.06
CA GLY A 83 -7.86 -9.27 -5.27
C GLY A 83 -9.04 -9.37 -4.31
N ARG A 84 -9.52 -10.60 -4.03
CA ARG A 84 -10.88 -10.87 -3.57
C ARG A 84 -10.99 -11.46 -2.15
N VAL A 85 -9.96 -11.34 -1.30
CA VAL A 85 -9.86 -12.06 -0.01
C VAL A 85 -9.34 -11.25 1.19
N THR A 86 -8.01 -11.27 1.41
CA THR A 86 -7.32 -10.98 2.71
C THR A 86 -5.98 -10.19 2.59
N GLY A 87 -5.65 -9.76 1.38
CA GLY A 87 -4.35 -9.39 0.79
C GLY A 87 -3.17 -8.79 1.55
N GLU A 88 -2.05 -8.92 0.85
CA GLU A 88 -0.74 -9.28 1.40
C GLU A 88 0.38 -8.71 0.49
N ALA A 89 0.38 -7.39 0.34
CA ALA A 89 0.86 -6.66 -0.83
C ALA A 89 2.00 -5.66 -0.51
N ASP A 90 2.67 -5.14 -1.54
CA ASP A 90 3.71 -4.11 -1.44
C ASP A 90 3.70 -3.18 -2.66
N VAL A 91 4.08 -1.92 -2.42
CA VAL A 91 3.85 -0.83 -3.39
C VAL A 91 5.03 0.10 -3.41
N GLU A 92 5.52 0.34 -4.62
CA GLU A 92 6.88 0.78 -4.88
C GLU A 92 6.89 2.24 -5.29
N PHE A 93 7.49 3.09 -4.47
CA PHE A 93 7.14 4.50 -4.43
C PHE A 93 8.24 5.45 -4.93
N ALA A 94 7.95 6.75 -4.95
CA ALA A 94 8.91 7.84 -5.02
C ALA A 94 9.39 8.28 -3.62
N THR A 95 9.88 7.33 -2.84
CA THR A 95 10.93 7.44 -1.84
C THR A 95 10.41 7.14 -0.45
N HIS A 96 11.30 7.12 0.54
CA HIS A 96 10.90 7.13 1.94
C HIS A 96 9.89 8.24 2.17
N GLU A 97 10.07 9.41 1.58
CA GLU A 97 9.19 10.57 1.66
C GLU A 97 7.80 10.38 1.00
N GLU A 98 7.68 9.66 -0.13
CA GLU A 98 6.37 9.22 -0.64
C GLU A 98 5.68 8.23 0.32
N ALA A 99 6.44 7.23 0.74
CA ALA A 99 6.01 6.10 1.54
C ALA A 99 5.65 6.45 3.00
N VAL A 100 6.38 7.38 3.58
CA VAL A 100 6.21 7.92 4.93
C VAL A 100 5.04 8.90 4.99
N ALA A 101 4.74 9.53 3.85
CA ALA A 101 3.50 10.26 3.71
C ALA A 101 2.29 9.30 3.67
N ALA A 102 2.49 8.05 3.24
CA ALA A 102 1.51 6.98 3.41
C ALA A 102 1.34 6.55 4.89
N MET A 103 2.42 6.61 5.69
CA MET A 103 2.52 6.30 7.14
C MET A 103 1.87 7.34 8.06
N SER A 104 0.64 7.72 7.75
CA SER A 104 -0.02 8.90 8.33
C SER A 104 -1.43 8.67 8.87
N LYS A 105 -2.07 7.55 8.48
CA LYS A 105 -3.54 7.41 8.51
C LYS A 105 -4.10 5.98 8.48
N ASP A 106 -3.25 4.96 8.54
CA ASP A 106 -3.42 3.50 8.66
C ASP A 106 -4.80 2.80 8.49
N ARG A 107 -5.90 3.34 9.00
CA ARG A 107 -7.31 2.88 8.98
C ARG A 107 -7.80 2.32 7.64
N ALA A 108 -7.32 2.88 6.55
CA ALA A 108 -8.22 3.87 5.95
C ALA A 108 -8.87 3.38 4.63
N ASN A 109 -8.99 2.06 4.54
CA ASN A 109 -9.04 1.29 3.30
C ASN A 109 -10.28 0.42 3.14
N MET A 110 -10.72 -0.16 4.26
CA MET A 110 -11.65 -1.32 4.27
C MET A 110 -12.80 -1.25 5.30
N GLN A 111 -13.54 -0.15 5.37
CA GLN A 111 -13.72 0.90 4.35
C GLN A 111 -13.57 2.29 5.00
N HIS A 112 -12.66 2.29 6.00
CA HIS A 112 -12.32 3.22 7.08
C HIS A 112 -12.38 2.39 8.40
N ARG A 113 -11.38 1.52 8.55
CA ARG A 113 -11.31 0.45 9.57
C ARG A 113 -9.86 0.17 9.96
N TYR A 114 -9.11 -0.72 9.28
CA TYR A 114 -7.62 -0.79 9.30
C TYR A 114 -6.97 -1.80 8.36
N ILE A 115 -5.73 -1.46 7.96
CA ILE A 115 -4.75 -2.34 7.31
C ILE A 115 -3.39 -2.15 7.98
N GLU A 116 -2.60 -3.22 8.04
CA GLU A 116 -1.19 -3.21 8.44
C GLU A 116 -0.32 -2.48 7.41
N LEU A 117 -0.41 -1.15 7.41
CA LEU A 117 0.40 -0.25 6.61
C LEU A 117 1.75 0.05 7.26
N PHE A 118 2.85 -0.41 6.63
CA PHE A 118 4.20 -0.28 7.19
C PHE A 118 5.32 -0.14 6.16
N LEU A 119 6.20 0.84 6.41
CA LEU A 119 7.51 0.95 5.75
C LEU A 119 8.37 -0.28 5.98
N ASN A 120 9.25 -0.52 5.01
CA ASN A 120 10.21 -1.62 5.01
C ASN A 120 11.51 -1.25 4.25
N SER A 121 11.69 0.04 3.95
CA SER A 121 12.60 0.52 2.90
C SER A 121 13.35 1.82 3.22
N THR A 122 14.24 2.23 2.31
CA THR A 122 15.07 3.47 2.36
C THR A 122 14.96 4.24 1.03
N THR A 123 15.04 5.57 1.06
CA THR A 123 15.11 6.43 -0.14
C THR A 123 16.34 6.07 -1.01
N GLY A 124 16.09 5.53 -2.21
CA GLY A 124 17.11 5.10 -3.17
C GLY A 124 16.62 4.34 -4.42
N ALA A 125 15.51 4.65 -5.09
CA ALA A 125 14.53 5.71 -4.85
C ALA A 125 13.33 5.12 -4.07
N THR A 45 12.71 2.39 -9.49
CA THR A 45 11.98 2.26 -8.21
C THR A 45 12.96 2.09 -7.06
N GLY A 46 12.71 2.72 -5.91
CA GLY A 46 13.70 2.74 -4.81
C GLY A 46 13.16 2.86 -3.39
N HIS A 47 11.85 2.70 -3.23
CA HIS A 47 11.20 2.46 -1.96
C HIS A 47 10.14 1.37 -2.16
N CYS A 48 9.76 0.62 -1.13
CA CYS A 48 8.46 -0.06 -1.12
C CYS A 48 7.81 -0.14 0.26
N VAL A 49 6.49 -0.40 0.29
CA VAL A 49 5.70 -0.35 1.53
C VAL A 49 4.76 -1.54 1.60
N HIS A 50 4.69 -2.14 2.78
CA HIS A 50 3.99 -3.39 3.02
C HIS A 50 2.56 -3.15 3.51
N MET A 51 1.64 -4.04 3.12
CA MET A 51 0.19 -3.92 3.36
C MET A 51 -0.45 -5.28 3.58
N ARG A 52 -1.13 -5.42 4.72
CA ARG A 52 -1.95 -6.60 5.02
C ARG A 52 -3.21 -6.23 5.80
N GLY A 53 -4.20 -7.12 5.80
CA GLY A 53 -5.54 -6.82 6.32
C GLY A 53 -6.40 -6.14 5.26
N LEU A 54 -5.97 -6.21 3.98
CA LEU A 54 -6.71 -5.62 2.87
C LEU A 54 -8.12 -6.24 2.77
N PRO A 55 -9.11 -5.44 2.37
CA PRO A 55 -10.49 -5.92 2.13
C PRO A 55 -10.63 -6.73 0.85
N TYR A 56 -11.77 -7.39 0.70
CA TYR A 56 -12.20 -8.05 -0.53
C TYR A 56 -12.52 -7.10 -1.70
N LYS A 57 -12.70 -5.80 -1.44
CA LYS A 57 -12.73 -4.75 -2.48
C LYS A 57 -11.35 -4.14 -2.82
N ALA A 58 -10.24 -4.64 -2.25
CA ALA A 58 -8.90 -4.19 -2.61
C ALA A 58 -8.55 -4.49 -4.08
N THR A 59 -7.63 -3.69 -4.59
CA THR A 59 -6.96 -3.71 -5.90
C THR A 59 -5.71 -2.88 -5.78
N GLU A 60 -4.75 -3.02 -6.67
CA GLU A 60 -3.54 -2.21 -6.64
C GLU A 60 -3.87 -0.72 -6.61
N ASN A 61 -4.73 -0.24 -7.51
CA ASN A 61 -5.11 1.15 -7.53
C ASN A 61 -5.94 1.55 -6.32
N ASP A 62 -6.76 0.62 -5.84
CA ASP A 62 -7.50 0.82 -4.60
C ASP A 62 -6.56 1.11 -3.42
N ILE A 63 -5.50 0.32 -3.29
CA ILE A 63 -4.63 0.35 -2.12
C ILE A 63 -3.77 1.60 -2.08
N TYR A 64 -3.24 2.02 -3.22
CA TYR A 64 -2.29 3.12 -3.21
C TYR A 64 -2.97 4.49 -3.28
N ASN A 65 -4.15 4.55 -3.90
CA ASN A 65 -4.94 5.78 -3.93
C ASN A 65 -5.63 6.07 -2.59
N PHE A 66 -5.84 5.04 -1.75
CA PHE A 66 -6.26 5.28 -0.37
C PHE A 66 -5.06 5.76 0.44
N PHE A 67 -3.89 5.09 0.31
CA PHE A 67 -2.68 5.36 1.10
C PHE A 67 -2.56 6.88 1.21
N SER A 68 -2.38 7.56 0.08
CA SER A 68 -2.60 9.01 -0.09
C SER A 68 -2.65 9.37 -1.59
N PRO A 69 -2.72 10.67 -1.97
CA PRO A 69 -2.49 11.16 -3.33
C PRO A 69 -1.11 10.85 -3.99
N LEU A 70 -0.50 9.71 -3.65
CA LEU A 70 0.85 9.28 -3.99
C LEU A 70 1.01 8.75 -5.42
N ASN A 71 2.25 8.45 -5.81
CA ASN A 71 2.66 7.80 -7.05
C ASN A 71 3.65 6.64 -6.75
N PRO A 72 3.14 5.43 -6.45
CA PRO A 72 3.82 4.17 -6.63
C PRO A 72 4.18 4.08 -8.10
N VAL A 73 5.46 4.27 -8.33
CA VAL A 73 6.12 4.00 -9.60
C VAL A 73 6.06 2.51 -9.97
N ARG A 74 5.63 1.66 -9.02
CA ARG A 74 5.07 0.33 -9.27
C ARG A 74 4.09 -0.13 -8.16
N VAL A 75 3.20 -1.11 -8.43
CA VAL A 75 2.45 -1.86 -7.40
C VAL A 75 2.52 -3.38 -7.64
N HIS A 76 2.36 -4.17 -6.57
CA HIS A 76 1.96 -5.59 -6.64
C HIS A 76 0.82 -5.86 -5.63
N ILE A 77 -0.14 -6.72 -6.01
CA ILE A 77 -1.47 -6.85 -5.36
C ILE A 77 -1.93 -8.32 -5.33
N GLU A 78 -1.09 -9.09 -4.69
CA GLU A 78 -1.16 -10.53 -4.73
C GLU A 78 -1.90 -11.11 -3.52
N ILE A 79 -3.03 -11.77 -3.79
CA ILE A 79 -3.85 -12.52 -2.81
C ILE A 79 -4.83 -13.49 -3.51
N GLY A 80 -5.64 -14.20 -2.71
CA GLY A 80 -6.61 -15.25 -3.08
C GLY A 80 -6.98 -15.37 -4.58
N PRO A 81 -8.02 -14.66 -5.07
CA PRO A 81 -8.31 -14.56 -6.50
C PRO A 81 -7.26 -13.70 -7.23
N ASP A 82 -7.18 -12.41 -6.87
CA ASP A 82 -6.39 -11.39 -7.56
C ASP A 82 -6.11 -10.14 -6.69
N GLY A 83 -6.15 -10.27 -5.35
CA GLY A 83 -6.00 -9.15 -4.39
C GLY A 83 -7.19 -8.92 -3.47
N ARG A 84 -8.16 -9.84 -3.45
CA ARG A 84 -9.53 -9.60 -3.04
C ARG A 84 -10.00 -10.49 -1.88
N VAL A 85 -9.16 -10.64 -0.84
CA VAL A 85 -9.52 -11.38 0.40
C VAL A 85 -9.11 -10.66 1.69
N THR A 86 -7.80 -10.61 1.92
CA THR A 86 -7.20 -10.38 3.25
C THR A 86 -5.90 -9.57 3.24
N GLY A 87 -5.34 -9.27 2.06
CA GLY A 87 -3.93 -8.88 2.00
C GLY A 87 -3.32 -8.93 0.60
N GLU A 88 -2.04 -9.26 0.40
CA GLU A 88 -0.88 -9.32 1.30
C GLU A 88 0.31 -8.87 0.45
N ALA A 89 0.43 -7.55 0.31
CA ALA A 89 0.84 -6.89 -0.91
C ALA A 89 1.78 -5.71 -0.62
N ASP A 90 2.47 -5.22 -1.66
CA ASP A 90 3.51 -4.20 -1.50
C ASP A 90 3.57 -3.25 -2.71
N VAL A 91 4.00 -2.02 -2.45
CA VAL A 91 3.84 -0.90 -3.37
C VAL A 91 5.08 -0.04 -3.36
N GLU A 92 5.48 0.43 -4.52
CA GLU A 92 6.85 0.78 -4.80
C GLU A 92 6.93 2.22 -5.27
N PHE A 93 7.53 3.07 -4.46
CA PHE A 93 7.28 4.51 -4.44
C PHE A 93 8.49 5.37 -4.80
N ALA A 94 8.26 6.68 -4.95
CA ALA A 94 9.25 7.73 -4.91
C ALA A 94 9.59 8.19 -3.48
N THR A 95 10.01 7.26 -2.65
CA THR A 95 11.03 7.37 -1.59
C THR A 95 10.44 7.01 -0.25
N HIS A 96 11.30 6.94 0.78
CA HIS A 96 10.84 6.99 2.16
C HIS A 96 9.86 8.15 2.36
N GLU A 97 10.11 9.31 1.78
CA GLU A 97 9.26 10.49 1.85
C GLU A 97 7.90 10.34 1.11
N GLU A 98 7.80 9.64 -0.03
CA GLU A 98 6.50 9.24 -0.58
C GLU A 98 5.74 8.27 0.32
N ALA A 99 6.47 7.27 0.83
CA ALA A 99 5.94 6.16 1.60
C ALA A 99 5.60 6.47 3.06
N VAL A 100 6.30 7.43 3.65
CA VAL A 100 6.11 7.95 5.01
C VAL A 100 4.96 8.94 5.05
N ALA A 101 4.73 9.62 3.92
CA ALA A 101 3.47 10.30 3.74
C ALA A 101 2.31 9.27 3.68
N ALA A 102 2.57 8.08 3.14
CA ALA A 102 1.66 6.93 3.19
C ALA A 102 1.48 6.31 4.60
N MET A 103 2.46 6.43 5.50
CA MET A 103 2.37 5.95 6.89
C MET A 103 1.33 6.69 7.73
N SER A 104 1.27 8.00 7.55
CA SER A 104 0.75 9.01 8.50
C SER A 104 -0.79 9.07 8.66
N LYS A 105 -1.49 7.97 8.34
CA LYS A 105 -2.96 7.79 8.48
C LYS A 105 -3.43 6.44 9.02
N ASP A 106 -2.67 5.36 8.76
CA ASP A 106 -2.93 3.90 8.82
C ASP A 106 -4.37 3.28 8.71
N ARG A 107 -5.44 3.94 9.15
CA ARG A 107 -6.85 3.47 9.19
C ARG A 107 -7.43 3.03 7.84
N ALA A 108 -6.95 3.62 6.78
CA ALA A 108 -7.80 4.72 6.32
C ALA A 108 -8.58 4.42 5.03
N ASN A 109 -8.93 3.15 4.89
CA ASN A 109 -9.39 2.52 3.68
C ASN A 109 -10.69 1.76 3.91
N MET A 110 -10.57 0.71 4.70
CA MET A 110 -11.30 -0.51 4.32
C MET A 110 -12.74 -0.50 4.76
N GLN A 111 -12.99 -0.18 6.02
CA GLN A 111 -14.34 -0.03 6.57
C GLN A 111 -14.36 1.21 7.49
N HIS A 112 -13.48 2.19 7.17
CA HIS A 112 -12.80 3.13 8.08
C HIS A 112 -12.24 2.46 9.35
N ARG A 113 -10.89 2.44 9.49
CA ARG A 113 -10.11 1.29 10.03
C ARG A 113 -10.17 0.12 9.04
N TYR A 114 -9.12 -0.68 8.81
CA TYR A 114 -7.67 -0.45 9.00
C TYR A 114 -6.87 -1.41 8.12
N ILE A 115 -5.65 -0.98 7.78
CA ILE A 115 -4.67 -1.76 7.04
C ILE A 115 -3.33 -1.69 7.79
N GLU A 116 -2.61 -2.81 7.82
CA GLU A 116 -1.22 -2.92 8.24
C GLU A 116 -0.29 -2.22 7.24
N LEU A 117 -0.28 -0.89 7.29
CA LEU A 117 0.60 -0.02 6.53
C LEU A 117 1.95 0.17 7.22
N PHE A 118 3.03 -0.33 6.60
CA PHE A 118 4.38 -0.35 7.20
C PHE A 118 5.52 -0.20 6.18
N LEU A 119 6.40 0.78 6.44
CA LEU A 119 7.68 0.94 5.73
C LEU A 119 8.61 -0.23 5.99
N ASN A 120 9.56 -0.36 5.06
CA ASN A 120 10.64 -1.33 5.11
C ASN A 120 11.90 -0.87 4.35
N SER A 121 11.93 0.39 3.86
CA SER A 121 12.79 0.75 2.70
C SER A 121 13.57 2.07 2.79
N THR A 122 14.48 2.27 1.83
CA THR A 122 15.41 3.42 1.66
C THR A 122 14.82 4.61 0.88
N THR A 123 15.55 5.73 0.84
CA THR A 123 15.20 6.91 0.04
C THR A 123 15.73 6.79 -1.40
N GLY A 124 14.94 6.16 -2.27
CA GLY A 124 15.15 6.11 -3.73
C GLY A 124 13.84 6.11 -4.53
N ALA A 125 13.95 6.19 -5.86
CA ALA A 125 12.81 6.31 -6.79
C ALA A 125 12.97 5.47 -8.08
N THR A 45 14.22 1.21 -9.17
CA THR A 45 12.81 0.79 -9.11
C THR A 45 11.95 1.75 -8.30
N GLY A 46 12.24 1.90 -7.00
CA GLY A 46 11.48 2.74 -6.06
C GLY A 46 11.96 2.51 -4.61
N HIS A 47 11.35 3.25 -3.69
CA HIS A 47 11.05 2.73 -2.35
C HIS A 47 10.18 1.46 -2.44
N CYS A 48 9.87 0.79 -1.33
CA CYS A 48 8.61 0.05 -1.26
C CYS A 48 7.99 -0.07 0.15
N VAL A 49 6.70 -0.39 0.22
CA VAL A 49 5.90 -0.44 1.46
C VAL A 49 5.04 -1.68 1.48
N HIS A 50 4.88 -2.26 2.66
CA HIS A 50 4.13 -3.49 2.89
C HIS A 50 2.74 -3.20 3.50
N MET A 51 1.76 -4.03 3.15
CA MET A 51 0.34 -3.89 3.50
C MET A 51 -0.27 -5.26 3.78
N ARG A 52 -1.03 -5.38 4.87
CA ARG A 52 -1.82 -6.60 5.16
C ARG A 52 -3.15 -6.31 5.83
N GLY A 53 -4.14 -7.15 5.52
CA GLY A 53 -5.50 -7.08 6.05
C GLY A 53 -6.46 -6.30 5.13
N LEU A 54 -6.06 -6.11 3.86
CA LEU A 54 -6.83 -5.37 2.86
C LEU A 54 -8.25 -5.96 2.65
N PRO A 55 -9.22 -5.14 2.23
CA PRO A 55 -10.59 -5.58 1.95
C PRO A 55 -10.68 -6.42 0.66
N TYR A 56 -11.79 -7.14 0.46
CA TYR A 56 -12.03 -7.93 -0.76
C TYR A 56 -12.19 -7.09 -2.05
N LYS A 57 -12.43 -5.78 -1.94
CA LYS A 57 -12.37 -4.84 -3.08
C LYS A 57 -10.97 -4.25 -3.34
N ALA A 58 -9.92 -4.71 -2.65
CA ALA A 58 -8.54 -4.36 -2.93
C ALA A 58 -8.14 -4.65 -4.40
N THR A 59 -7.43 -3.70 -4.98
CA THR A 59 -6.73 -3.65 -6.26
C THR A 59 -5.49 -2.82 -6.08
N GLU A 60 -4.50 -2.94 -6.95
CA GLU A 60 -3.32 -2.10 -6.89
C GLU A 60 -3.64 -0.60 -6.85
N ASN A 61 -4.51 -0.10 -7.72
CA ASN A 61 -4.84 1.32 -7.70
C ASN A 61 -5.71 1.70 -6.50
N ASP A 62 -6.54 0.76 -6.08
CA ASP A 62 -7.37 0.88 -4.89
C ASP A 62 -6.51 1.14 -3.64
N ILE A 63 -5.40 0.40 -3.49
CA ILE A 63 -4.58 0.46 -2.29
C ILE A 63 -3.78 1.75 -2.21
N TYR A 64 -3.16 2.17 -3.31
CA TYR A 64 -2.25 3.29 -3.23
C TYR A 64 -2.97 4.63 -3.25
N ASN A 65 -4.17 4.65 -3.84
CA ASN A 65 -5.05 5.82 -3.78
C ASN A 65 -5.89 5.88 -2.50
N PHE A 66 -6.01 4.78 -1.73
CA PHE A 66 -6.46 4.91 -0.35
C PHE A 66 -5.34 5.56 0.45
N PHE A 67 -4.11 5.00 0.38
CA PHE A 67 -2.96 5.33 1.22
C PHE A 67 -2.98 6.84 1.46
N SER A 68 -2.66 7.58 0.42
CA SER A 68 -2.86 9.04 0.31
C SER A 68 -2.97 9.43 -1.19
N PRO A 69 -2.99 10.73 -1.54
CA PRO A 69 -2.83 11.22 -2.92
C PRO A 69 -1.51 10.85 -3.67
N LEU A 70 -0.91 9.70 -3.37
CA LEU A 70 0.42 9.24 -3.78
C LEU A 70 0.48 8.69 -5.21
N ASN A 71 1.70 8.46 -5.69
CA ASN A 71 2.04 7.83 -6.97
C ASN A 71 3.21 6.82 -6.78
N PRO A 72 2.90 5.55 -6.45
CA PRO A 72 3.74 4.40 -6.68
C PRO A 72 4.06 4.33 -8.16
N VAL A 73 5.35 4.28 -8.39
CA VAL A 73 5.97 4.06 -9.68
C VAL A 73 5.87 2.60 -10.12
N ARG A 74 5.43 1.74 -9.18
CA ARG A 74 5.20 0.29 -9.33
C ARG A 74 4.21 -0.22 -8.25
N VAL A 75 3.48 -1.33 -8.47
CA VAL A 75 2.65 -2.00 -7.42
C VAL A 75 2.67 -3.54 -7.55
N HIS A 76 2.58 -4.23 -6.42
CA HIS A 76 2.47 -5.68 -6.27
C HIS A 76 1.31 -6.05 -5.36
N ILE A 77 0.14 -6.01 -5.97
CA ILE A 77 -1.11 -6.50 -5.40
C ILE A 77 -1.15 -8.03 -5.45
N GLU A 78 -1.56 -8.68 -4.35
CA GLU A 78 -1.57 -10.15 -4.24
C GLU A 78 -2.54 -10.68 -3.17
N ILE A 79 -3.31 -11.72 -3.55
CA ILE A 79 -4.12 -12.67 -2.73
C ILE A 79 -5.00 -13.61 -3.54
N GLY A 80 -5.81 -14.42 -2.84
CA GLY A 80 -6.66 -15.54 -3.30
C GLY A 80 -6.93 -15.59 -4.81
N PRO A 81 -7.94 -14.86 -5.33
CA PRO A 81 -8.13 -14.71 -6.77
C PRO A 81 -7.06 -13.80 -7.41
N ASP A 82 -6.99 -12.55 -6.94
CA ASP A 82 -6.15 -11.49 -7.51
C ASP A 82 -5.84 -10.35 -6.50
N GLY A 83 -6.03 -10.60 -5.20
CA GLY A 83 -6.01 -9.58 -4.12
C GLY A 83 -7.31 -9.42 -3.35
N ARG A 84 -8.34 -10.20 -3.70
CA ARG A 84 -9.75 -9.81 -3.54
C ARG A 84 -10.46 -10.58 -2.41
N VAL A 85 -9.74 -10.82 -1.31
CA VAL A 85 -10.27 -11.45 -0.08
C VAL A 85 -9.85 -10.71 1.19
N THR A 86 -8.56 -10.75 1.44
CA THR A 86 -7.92 -10.42 2.74
C THR A 86 -6.55 -9.72 2.54
N GLY A 87 -6.33 -9.23 1.31
CA GLY A 87 -5.12 -8.76 0.63
C GLY A 87 -3.85 -8.44 1.43
N GLU A 88 -2.72 -8.87 0.87
CA GLU A 88 -1.42 -9.00 1.52
C GLU A 88 -0.32 -8.71 0.49
N ALA A 89 0.01 -7.44 0.35
CA ALA A 89 0.52 -6.82 -0.86
C ALA A 89 1.61 -5.78 -0.56
N ASP A 90 2.29 -5.33 -1.61
CA ASP A 90 3.37 -4.34 -1.52
C ASP A 90 3.32 -3.35 -2.70
N VAL A 91 3.98 -2.22 -2.53
CA VAL A 91 3.83 -1.02 -3.38
C VAL A 91 5.12 -0.23 -3.38
N GLU A 92 5.42 0.44 -4.49
CA GLU A 92 6.78 0.88 -4.79
C GLU A 92 6.79 2.34 -5.21
N PHE A 93 7.36 3.21 -4.37
CA PHE A 93 7.07 4.64 -4.35
C PHE A 93 8.25 5.53 -4.74
N ALA A 94 7.98 6.82 -4.95
CA ALA A 94 8.96 7.90 -4.96
C ALA A 94 9.39 8.31 -3.55
N THR A 95 9.86 7.35 -2.77
CA THR A 95 10.93 7.41 -1.77
C THR A 95 10.38 7.04 -0.40
N HIS A 96 11.25 6.92 0.61
CA HIS A 96 10.81 6.93 2.00
C HIS A 96 9.84 8.09 2.24
N GLU A 97 10.09 9.25 1.67
CA GLU A 97 9.30 10.46 1.80
C GLU A 97 7.91 10.39 1.10
N GLU A 98 7.75 9.69 -0.03
CA GLU A 98 6.42 9.31 -0.54
C GLU A 98 5.70 8.29 0.38
N ALA A 99 6.44 7.28 0.82
CA ALA A 99 5.95 6.16 1.60
C ALA A 99 5.66 6.45 3.08
N VAL A 100 6.34 7.43 3.65
CA VAL A 100 6.18 7.93 5.01
C VAL A 100 5.05 8.93 5.07
N ALA A 101 4.81 9.62 3.95
CA ALA A 101 3.53 10.30 3.80
C ALA A 101 2.38 9.28 3.70
N ALA A 102 2.64 8.07 3.17
CA ALA A 102 1.72 6.93 3.20
C ALA A 102 1.53 6.33 4.61
N MET A 103 2.54 6.38 5.48
CA MET A 103 2.44 5.92 6.90
C MET A 103 1.39 6.68 7.70
N SER A 104 1.30 7.98 7.43
CA SER A 104 0.80 9.04 8.32
C SER A 104 -0.71 9.05 8.67
N LYS A 105 -1.44 7.98 8.32
CA LYS A 105 -2.88 7.74 8.57
C LYS A 105 -3.21 6.38 9.19
N ASP A 106 -2.43 5.34 8.87
CA ASP A 106 -2.64 3.90 8.94
C ASP A 106 -4.06 3.26 8.86
N ARG A 107 -5.07 3.76 9.58
CA ARG A 107 -6.38 3.15 9.79
C ARG A 107 -7.36 3.12 8.61
N ALA A 108 -6.95 3.50 7.40
CA ALA A 108 -7.83 4.44 6.66
C ALA A 108 -8.48 3.97 5.35
N ASN A 109 -8.26 2.72 5.02
CA ASN A 109 -8.68 2.09 3.78
C ASN A 109 -10.13 1.60 3.81
N MET A 110 -10.39 0.71 4.76
CA MET A 110 -11.37 -0.36 4.57
C MET A 110 -12.62 -0.04 5.37
N GLN A 111 -13.52 0.69 4.73
CA GLN A 111 -14.70 1.30 5.34
C GLN A 111 -14.30 2.30 6.47
N HIS A 112 -13.06 2.82 6.42
CA HIS A 112 -12.33 3.55 7.49
C HIS A 112 -12.25 2.76 8.81
N ARG A 113 -11.19 1.94 8.98
CA ARG A 113 -11.09 0.97 10.09
C ARG A 113 -9.64 0.58 10.48
N TYR A 114 -8.88 -0.11 9.59
CA TYR A 114 -7.40 -0.28 9.60
C TYR A 114 -6.81 -1.36 8.68
N ILE A 115 -5.56 -1.10 8.27
CA ILE A 115 -4.65 -1.94 7.51
C ILE A 115 -3.25 -1.86 8.15
N GLU A 116 -2.51 -2.95 8.09
CA GLU A 116 -1.08 -3.00 8.45
C GLU A 116 -0.21 -2.29 7.41
N LEU A 117 -0.24 -0.96 7.42
CA LEU A 117 0.64 -0.10 6.63
C LEU A 117 2.02 0.09 7.29
N PHE A 118 3.08 -0.40 6.63
CA PHE A 118 4.45 -0.38 7.19
C PHE A 118 5.57 -0.24 6.15
N LEU A 119 6.46 0.73 6.39
CA LEU A 119 7.74 0.89 5.70
C LEU A 119 8.67 -0.28 5.96
N ASN A 120 9.65 -0.39 5.08
CA ASN A 120 10.76 -1.34 5.16
C ASN A 120 12.08 -0.80 4.54
N SER A 121 12.10 0.49 4.14
CA SER A 121 13.08 0.99 3.14
C SER A 121 13.61 2.42 3.41
N THR A 122 14.45 2.94 2.51
CA THR A 122 15.16 4.23 2.54
C THR A 122 14.71 5.17 1.39
N THR A 123 15.23 6.40 1.33
CA THR A 123 14.96 7.39 0.25
C THR A 123 15.68 7.09 -1.08
N GLY A 124 15.76 5.80 -1.42
CA GLY A 124 16.15 5.28 -2.73
C GLY A 124 15.00 5.31 -3.75
N ALA A 125 15.34 5.01 -5.01
CA ALA A 125 14.41 4.98 -6.14
C ALA A 125 14.78 3.89 -7.20
N THR A 45 12.39 3.25 -9.20
CA THR A 45 11.74 2.18 -8.41
C THR A 45 12.73 1.52 -7.46
N GLY A 46 12.65 1.86 -6.17
CA GLY A 46 13.50 1.31 -5.11
C GLY A 46 12.78 1.15 -3.77
N HIS A 47 12.03 2.15 -3.34
CA HIS A 47 11.17 2.08 -2.16
C HIS A 47 10.07 1.02 -2.33
N CYS A 48 9.62 0.39 -1.24
CA CYS A 48 8.26 -0.16 -1.19
C CYS A 48 7.60 -0.11 0.19
N VAL A 49 6.28 -0.34 0.26
CA VAL A 49 5.50 -0.25 1.51
C VAL A 49 4.56 -1.42 1.62
N HIS A 50 4.68 -2.09 2.75
CA HIS A 50 4.00 -3.33 3.07
C HIS A 50 2.61 -3.08 3.65
N MET A 51 1.70 -3.99 3.34
CA MET A 51 0.27 -3.91 3.65
C MET A 51 -0.26 -5.30 3.95
N ARG A 52 -1.00 -5.46 5.06
CA ARG A 52 -1.78 -6.69 5.29
C ARG A 52 -3.16 -6.43 5.88
N GLY A 53 -4.13 -7.21 5.41
CA GLY A 53 -5.52 -7.23 5.89
C GLY A 53 -6.50 -6.64 4.88
N LEU A 54 -6.08 -6.42 3.63
CA LEU A 54 -6.86 -5.71 2.61
C LEU A 54 -8.22 -6.37 2.35
N PRO A 55 -9.27 -5.61 2.06
CA PRO A 55 -10.62 -6.14 1.86
C PRO A 55 -10.77 -6.82 0.48
N TYR A 56 -11.87 -7.53 0.28
CA TYR A 56 -12.25 -8.15 -1.00
C TYR A 56 -12.51 -7.19 -2.18
N LYS A 57 -12.47 -5.87 -1.96
CA LYS A 57 -12.46 -4.84 -3.02
C LYS A 57 -11.09 -4.23 -3.30
N ALA A 58 -10.02 -4.67 -2.61
CA ALA A 58 -8.67 -4.22 -2.86
C ALA A 58 -8.19 -4.59 -4.28
N THR A 59 -7.58 -3.62 -4.93
CA THR A 59 -6.85 -3.64 -6.20
C THR A 59 -5.63 -2.77 -6.03
N GLU A 60 -4.60 -2.96 -6.84
CA GLU A 60 -3.40 -2.14 -6.77
C GLU A 60 -3.69 -0.64 -6.77
N ASN A 61 -4.55 -0.13 -7.66
CA ASN A 61 -4.85 1.29 -7.69
C ASN A 61 -5.75 1.72 -6.55
N ASP A 62 -6.66 0.82 -6.18
CA ASP A 62 -7.52 0.98 -5.02
C ASP A 62 -6.69 1.23 -3.75
N ILE A 63 -5.57 0.52 -3.58
CA ILE A 63 -4.75 0.63 -2.38
C ILE A 63 -3.90 1.89 -2.36
N TYR A 64 -3.15 2.18 -3.41
CA TYR A 64 -2.22 3.29 -3.33
C TYR A 64 -2.93 4.65 -3.35
N ASN A 65 -4.15 4.68 -3.90
CA ASN A 65 -5.03 5.85 -3.81
C ASN A 65 -5.88 5.89 -2.52
N PHE A 66 -6.03 4.77 -1.79
CA PHE A 66 -6.50 4.86 -0.41
C PHE A 66 -5.41 5.50 0.44
N PHE A 67 -4.17 4.98 0.32
CA PHE A 67 -3.02 5.27 1.19
C PHE A 67 -3.02 6.78 1.43
N SER A 68 -2.70 7.51 0.38
CA SER A 68 -2.81 8.97 0.29
C SER A 68 -2.90 9.41 -1.18
N PRO A 69 -2.88 10.74 -1.49
CA PRO A 69 -2.71 11.29 -2.84
C PRO A 69 -1.40 10.91 -3.61
N LEU A 70 -0.85 9.71 -3.37
CA LEU A 70 0.46 9.24 -3.80
C LEU A 70 0.48 8.73 -5.24
N ASN A 71 1.69 8.53 -5.77
CA ASN A 71 2.04 7.97 -7.07
C ASN A 71 3.23 6.98 -6.95
N PRO A 72 2.95 5.71 -6.62
CA PRO A 72 3.81 4.57 -6.83
C PRO A 72 4.32 4.57 -8.25
N VAL A 73 5.60 4.30 -8.30
CA VAL A 73 6.37 4.03 -9.50
C VAL A 73 6.27 2.55 -9.88
N ARG A 74 5.61 1.76 -9.01
CA ARG A 74 5.15 0.38 -9.24
C ARG A 74 4.11 -0.05 -8.17
N VAL A 75 3.38 -1.14 -8.39
CA VAL A 75 2.60 -1.84 -7.34
C VAL A 75 2.73 -3.35 -7.56
N HIS A 76 2.63 -4.13 -6.50
CA HIS A 76 2.20 -5.53 -6.57
C HIS A 76 1.01 -5.74 -5.63
N ILE A 77 0.03 -6.49 -6.10
CA ILE A 77 -1.25 -6.72 -5.44
C ILE A 77 -1.51 -8.23 -5.53
N GLU A 78 -1.60 -8.88 -4.37
CA GLU A 78 -1.55 -10.34 -4.29
C GLU A 78 -2.31 -10.94 -3.11
N ILE A 79 -3.19 -11.91 -3.44
CA ILE A 79 -3.87 -12.86 -2.54
C ILE A 79 -4.81 -13.83 -3.29
N GLY A 80 -5.61 -14.61 -2.53
CA GLY A 80 -6.47 -15.71 -2.94
C GLY A 80 -6.77 -15.82 -4.44
N PRO A 81 -7.71 -15.01 -4.95
CA PRO A 81 -8.00 -14.90 -6.37
C PRO A 81 -6.98 -14.02 -7.12
N ASP A 82 -6.78 -12.79 -6.63
CA ASP A 82 -6.03 -11.69 -7.27
C ASP A 82 -5.72 -10.53 -6.29
N GLY A 83 -5.86 -10.75 -4.96
CA GLY A 83 -5.79 -9.72 -3.91
C GLY A 83 -7.08 -9.50 -3.10
N ARG A 84 -8.13 -10.29 -3.39
CA ARG A 84 -9.52 -9.88 -3.15
C ARG A 84 -10.18 -10.74 -2.06
N VAL A 85 -9.46 -10.97 -0.97
CA VAL A 85 -9.98 -11.64 0.25
C VAL A 85 -9.54 -10.93 1.52
N THR A 86 -8.23 -10.94 1.74
CA THR A 86 -7.55 -10.58 3.00
C THR A 86 -6.20 -9.87 2.75
N GLY A 87 -6.00 -9.41 1.51
CA GLY A 87 -4.81 -8.95 0.79
C GLY A 87 -3.55 -8.55 1.56
N GLU A 88 -2.42 -8.98 1.00
CA GLU A 88 -1.11 -9.04 1.67
C GLU A 88 0.00 -8.76 0.64
N ALA A 89 0.26 -7.47 0.44
CA ALA A 89 0.82 -6.91 -0.78
C ALA A 89 1.79 -5.73 -0.50
N ASP A 90 2.46 -5.21 -1.54
CA ASP A 90 3.48 -4.17 -1.39
C ASP A 90 3.53 -3.22 -2.59
N VAL A 91 3.88 -1.96 -2.32
CA VAL A 91 3.69 -0.86 -3.28
C VAL A 91 4.87 0.08 -3.28
N GLU A 92 5.26 0.52 -4.46
CA GLU A 92 6.65 0.84 -4.73
C GLU A 92 6.73 2.29 -5.18
N PHE A 93 7.40 3.13 -4.40
CA PHE A 93 7.11 4.56 -4.36
C PHE A 93 8.30 5.45 -4.74
N ALA A 94 8.04 6.73 -4.99
CA ALA A 94 9.01 7.81 -5.01
C ALA A 94 9.46 8.22 -3.60
N THR A 95 9.92 7.24 -2.83
CA THR A 95 10.95 7.29 -1.80
C THR A 95 10.36 6.91 -0.45
N HIS A 96 11.20 6.79 0.57
CA HIS A 96 10.74 6.76 1.96
C HIS A 96 9.84 7.95 2.25
N GLU A 97 10.08 9.11 1.67
CA GLU A 97 9.29 10.33 1.81
C GLU A 97 7.94 10.30 1.06
N GLU A 98 7.80 9.61 -0.08
CA GLU A 98 6.47 9.22 -0.60
C GLU A 98 5.76 8.21 0.31
N ALA A 99 6.50 7.21 0.75
CA ALA A 99 6.02 6.06 1.50
C ALA A 99 5.69 6.32 2.98
N VAL A 100 6.32 7.32 3.57
CA VAL A 100 6.11 7.82 4.92
C VAL A 100 4.95 8.81 4.94
N ALA A 101 4.76 9.51 3.82
CA ALA A 101 3.48 10.17 3.58
C ALA A 101 2.35 9.14 3.35
N ALA A 102 2.69 7.88 3.05
CA ALA A 102 1.79 6.72 3.10
C ALA A 102 1.67 6.10 4.51
N MET A 103 2.64 6.26 5.40
CA MET A 103 2.54 5.84 6.82
C MET A 103 1.50 6.62 7.61
N SER A 104 1.46 7.93 7.37
CA SER A 104 0.86 9.02 8.15
C SER A 104 -0.66 8.98 8.48
N LYS A 105 -1.34 7.87 8.17
CA LYS A 105 -2.79 7.61 8.37
C LYS A 105 -3.13 6.26 8.99
N ASP A 106 -2.26 5.26 8.81
CA ASP A 106 -2.41 3.80 8.89
C ASP A 106 -3.79 3.09 8.73
N ARG A 107 -4.87 3.58 9.33
CA ARG A 107 -6.13 2.85 9.57
C ARG A 107 -7.14 2.80 8.43
N ALA A 108 -6.78 3.22 7.22
CA ALA A 108 -7.69 4.15 6.53
C ALA A 108 -8.40 3.62 5.27
N ASN A 109 -8.46 2.30 5.15
CA ASN A 109 -8.66 1.59 3.89
C ASN A 109 -9.99 0.84 3.75
N MET A 110 -10.45 0.23 4.85
CA MET A 110 -11.40 -0.90 4.79
C MET A 110 -12.53 -0.87 5.84
N GLN A 111 -13.26 0.22 5.95
CA GLN A 111 -13.54 1.19 4.88
C GLN A 111 -13.42 2.58 5.52
N HIS A 112 -12.15 2.93 5.81
CA HIS A 112 -11.69 3.38 7.14
C HIS A 112 -12.00 2.35 8.26
N ARG A 113 -10.96 1.65 8.74
CA ARG A 113 -10.99 0.66 9.84
C ARG A 113 -9.59 0.26 10.34
N TYR A 114 -8.74 -0.33 9.48
CA TYR A 114 -7.28 -0.56 9.60
C TYR A 114 -6.67 -1.63 8.69
N ILE A 115 -5.41 -1.38 8.33
CA ILE A 115 -4.49 -2.22 7.58
C ILE A 115 -3.11 -2.07 8.20
N GLU A 116 -2.34 -3.16 8.17
CA GLU A 116 -0.92 -3.15 8.55
C GLU A 116 -0.06 -2.46 7.49
N LEU A 117 -0.16 -1.12 7.46
CA LEU A 117 0.67 -0.23 6.66
C LEU A 117 2.03 0.03 7.32
N PHE A 118 3.12 -0.43 6.69
CA PHE A 118 4.48 -0.35 7.23
C PHE A 118 5.56 -0.18 6.14
N LEU A 119 6.53 0.69 6.41
CA LEU A 119 7.71 0.87 5.55
C LEU A 119 8.63 -0.35 5.52
N ASN A 120 9.54 -0.30 4.55
CA ASN A 120 10.57 -1.30 4.32
C ASN A 120 11.99 -0.73 4.18
N SER A 121 12.15 0.61 4.12
CA SER A 121 13.25 1.19 3.30
C SER A 121 13.61 2.66 3.61
N THR A 122 14.60 3.17 2.88
CA THR A 122 15.14 4.56 2.90
C THR A 122 14.72 5.35 1.66
N THR A 123 14.99 6.67 1.67
CA THR A 123 14.92 7.55 0.51
C THR A 123 15.92 7.13 -0.58
N GLY A 124 15.53 7.31 -1.84
CA GLY A 124 16.21 6.83 -3.04
C GLY A 124 15.43 7.27 -4.28
N ALA A 125 14.66 6.33 -4.84
CA ALA A 125 13.40 6.54 -5.58
C ALA A 125 12.70 5.19 -5.82
N THR A 45 13.09 1.38 -8.94
CA THR A 45 11.94 0.51 -8.58
C THR A 45 10.96 1.13 -7.60
N GLY A 46 11.32 1.64 -6.40
CA GLY A 46 12.65 1.78 -5.77
C GLY A 46 12.55 1.81 -4.24
N HIS A 47 11.65 2.63 -3.69
CA HIS A 47 11.06 2.34 -2.38
C HIS A 47 10.04 1.19 -2.49
N CYS A 48 9.65 0.56 -1.38
CA CYS A 48 8.36 -0.14 -1.28
C CYS A 48 7.74 -0.15 0.12
N VAL A 49 6.42 -0.38 0.20
CA VAL A 49 5.65 -0.32 1.45
C VAL A 49 4.65 -1.44 1.51
N HIS A 50 4.64 -2.14 2.64
CA HIS A 50 3.93 -3.39 2.83
C HIS A 50 2.58 -3.15 3.51
N MET A 51 1.63 -4.01 3.18
CA MET A 51 0.20 -3.86 3.46
C MET A 51 -0.40 -5.23 3.75
N ARG A 52 -1.09 -5.39 4.88
CA ARG A 52 -1.84 -6.64 5.16
C ARG A 52 -3.22 -6.40 5.78
N GLY A 53 -4.18 -7.19 5.34
CA GLY A 53 -5.56 -7.25 5.85
C GLY A 53 -6.58 -6.63 4.89
N LEU A 54 -6.17 -6.33 3.65
CA LEU A 54 -6.97 -5.59 2.68
C LEU A 54 -8.35 -6.25 2.44
N PRO A 55 -9.42 -5.47 2.23
CA PRO A 55 -10.76 -5.99 2.02
C PRO A 55 -10.94 -6.49 0.56
N TYR A 56 -12.08 -7.09 0.21
CA TYR A 56 -12.36 -7.60 -1.14
C TYR A 56 -12.29 -6.56 -2.29
N LYS A 57 -12.49 -5.26 -2.04
CA LYS A 57 -12.25 -4.20 -3.05
C LYS A 57 -10.77 -4.09 -3.49
N ALA A 58 -9.84 -4.63 -2.69
CA ALA A 58 -8.40 -4.58 -2.90
C ALA A 58 -7.95 -4.88 -4.34
N THR A 59 -7.27 -3.89 -4.90
CA THR A 59 -6.58 -3.81 -6.18
C THR A 59 -5.37 -2.92 -5.96
N GLU A 60 -4.38 -3.01 -6.84
CA GLU A 60 -3.23 -2.12 -6.79
C GLU A 60 -3.63 -0.64 -6.75
N ASN A 61 -4.51 -0.19 -7.63
CA ASN A 61 -4.92 1.20 -7.61
C ASN A 61 -5.76 1.54 -6.39
N ASP A 62 -6.59 0.58 -5.97
CA ASP A 62 -7.38 0.69 -4.76
C ASP A 62 -6.50 0.99 -3.53
N ILE A 63 -5.36 0.31 -3.39
CA ILE A 63 -4.49 0.47 -2.24
C ILE A 63 -3.73 1.77 -2.23
N TYR A 64 -3.09 2.13 -3.35
CA TYR A 64 -2.21 3.29 -3.31
C TYR A 64 -2.98 4.59 -3.36
N ASN A 65 -4.17 4.56 -3.96
CA ASN A 65 -5.07 5.70 -3.97
C ASN A 65 -5.90 5.81 -2.68
N PHE A 66 -6.00 4.74 -1.87
CA PHE A 66 -6.41 4.93 -0.49
C PHE A 66 -5.29 5.65 0.24
N PHE A 67 -4.06 5.08 0.18
CA PHE A 67 -2.94 5.36 1.10
C PHE A 67 -2.94 6.85 1.41
N SER A 68 -2.57 7.64 0.40
CA SER A 68 -2.76 9.10 0.37
C SER A 68 -2.87 9.56 -1.10
N PRO A 69 -2.88 10.88 -1.39
CA PRO A 69 -2.70 11.44 -2.74
C PRO A 69 -1.40 11.09 -3.51
N LEU A 70 -0.82 9.91 -3.29
CA LEU A 70 0.50 9.47 -3.72
C LEU A 70 0.56 9.03 -5.20
N ASN A 71 1.79 8.83 -5.68
CA ASN A 71 2.15 8.30 -6.99
C ASN A 71 3.29 7.24 -6.83
N PRO A 72 2.95 5.97 -6.58
CA PRO A 72 3.80 4.83 -6.85
C PRO A 72 4.26 4.86 -8.29
N VAL A 73 5.46 4.37 -8.42
CA VAL A 73 6.13 4.13 -9.69
C VAL A 73 6.01 2.66 -10.09
N ARG A 74 5.47 1.84 -9.17
CA ARG A 74 5.06 0.44 -9.36
C ARG A 74 4.11 -0.03 -8.24
N VAL A 75 3.41 -1.17 -8.38
CA VAL A 75 2.60 -1.80 -7.31
C VAL A 75 2.68 -3.32 -7.37
N HIS A 76 2.56 -3.98 -6.22
CA HIS A 76 2.59 -5.44 -6.05
C HIS A 76 1.43 -5.92 -5.18
N ILE A 77 0.28 -5.94 -5.79
CA ILE A 77 -0.98 -6.44 -5.23
C ILE A 77 -1.01 -7.99 -5.24
N GLU A 78 -1.46 -8.63 -4.15
CA GLU A 78 -1.54 -10.10 -4.05
C GLU A 78 -2.51 -10.63 -2.98
N ILE A 79 -3.29 -11.67 -3.36
CA ILE A 79 -4.09 -12.60 -2.53
C ILE A 79 -4.78 -13.69 -3.39
N GLY A 80 -5.64 -14.48 -2.74
CA GLY A 80 -6.45 -15.59 -3.22
C GLY A 80 -6.72 -15.68 -4.74
N PRO A 81 -7.70 -14.92 -5.26
CA PRO A 81 -8.13 -14.99 -6.66
C PRO A 81 -7.31 -14.16 -7.65
N ASP A 82 -6.73 -13.04 -7.18
CA ASP A 82 -6.27 -11.83 -7.90
C ASP A 82 -5.99 -10.62 -6.97
N GLY A 83 -6.28 -10.71 -5.66
CA GLY A 83 -6.12 -9.60 -4.68
C GLY A 83 -7.29 -9.31 -3.75
N ARG A 84 -8.38 -10.11 -3.77
CA ARG A 84 -9.73 -9.65 -3.38
C ARG A 84 -10.31 -10.39 -2.16
N VAL A 85 -9.50 -10.69 -1.13
CA VAL A 85 -9.97 -11.45 0.07
C VAL A 85 -9.51 -10.85 1.39
N THR A 86 -8.20 -10.86 1.58
CA THR A 86 -7.51 -10.53 2.84
C THR A 86 -6.18 -9.79 2.61
N GLY A 87 -5.97 -9.33 1.37
CA GLY A 87 -4.79 -8.75 0.70
C GLY A 87 -3.51 -8.52 1.51
N GLU A 88 -2.41 -8.99 0.94
CA GLU A 88 -1.11 -9.13 1.58
C GLU A 88 -0.01 -8.79 0.56
N ALA A 89 0.26 -7.50 0.45
CA ALA A 89 0.75 -6.82 -0.74
C ALA A 89 1.84 -5.80 -0.43
N ASP A 90 2.40 -5.19 -1.48
CA ASP A 90 3.34 -4.08 -1.41
C ASP A 90 3.03 -3.04 -2.50
N VAL A 91 3.66 -1.87 -2.38
CA VAL A 91 3.59 -0.78 -3.35
C VAL A 91 4.83 0.06 -3.35
N GLU A 92 5.26 0.39 -4.55
CA GLU A 92 6.61 0.82 -4.84
C GLU A 92 6.63 2.28 -5.22
N PHE A 93 7.29 3.07 -4.40
CA PHE A 93 7.04 4.52 -4.35
C PHE A 93 8.27 5.36 -4.70
N ALA A 94 8.04 6.65 -4.91
CA ALA A 94 9.05 7.70 -4.96
C ALA A 94 9.48 8.15 -3.56
N THR A 95 9.97 7.21 -2.78
CA THR A 95 11.01 7.30 -1.77
C THR A 95 10.46 6.91 -0.41
N HIS A 96 11.33 6.84 0.60
CA HIS A 96 10.90 6.83 1.98
C HIS A 96 9.93 7.98 2.21
N GLU A 97 10.20 9.16 1.67
CA GLU A 97 9.37 10.36 1.76
C GLU A 97 7.99 10.24 1.07
N GLU A 98 7.83 9.51 -0.05
CA GLU A 98 6.48 9.19 -0.56
C GLU A 98 5.74 8.18 0.33
N ALA A 99 6.44 7.11 0.71
CA ALA A 99 5.99 6.01 1.53
C ALA A 99 5.69 6.32 3.00
N VAL A 100 6.37 7.33 3.55
CA VAL A 100 6.23 7.82 4.92
C VAL A 100 5.13 8.85 5.01
N ALA A 101 4.88 9.53 3.90
CA ALA A 101 3.58 10.19 3.77
C ALA A 101 2.48 9.13 3.73
N ALA A 102 2.70 7.99 3.07
CA ALA A 102 1.80 6.82 3.16
C ALA A 102 1.66 6.25 4.58
N MET A 103 2.67 6.37 5.45
CA MET A 103 2.56 5.99 6.88
C MET A 103 1.57 6.85 7.68
N SER A 104 1.49 8.13 7.35
CA SER A 104 0.95 9.24 8.18
C SER A 104 -0.59 9.27 8.43
N LYS A 105 -1.26 8.13 8.25
CA LYS A 105 -2.69 7.84 8.53
C LYS A 105 -2.95 6.50 9.24
N ASP A 106 -2.06 5.54 9.02
CA ASP A 106 -2.10 4.09 9.19
C ASP A 106 -3.43 3.27 9.20
N ARG A 107 -4.64 3.85 9.18
CA ARG A 107 -5.91 3.10 9.04
C ARG A 107 -5.92 2.47 7.63
N ALA A 108 -6.11 3.21 6.56
CA ALA A 108 -7.24 4.12 6.26
C ALA A 108 -8.01 3.71 5.00
N ASN A 109 -7.90 2.42 4.70
CA ASN A 109 -8.28 1.79 3.46
C ASN A 109 -9.73 1.31 3.42
N MET A 110 -10.11 0.64 4.50
CA MET A 110 -11.25 -0.27 4.51
C MET A 110 -12.35 0.33 5.38
N GLN A 111 -13.14 1.21 4.74
CA GLN A 111 -14.23 1.96 5.40
C GLN A 111 -13.68 2.94 6.48
N HIS A 112 -12.53 3.58 6.19
CA HIS A 112 -11.70 4.40 7.10
C HIS A 112 -11.33 3.67 8.42
N ARG A 113 -10.92 2.41 8.28
CA ARG A 113 -10.42 1.41 9.25
C ARG A 113 -9.29 0.67 8.50
N TYR A 114 -8.85 -0.50 8.96
CA TYR A 114 -7.45 -0.64 9.33
C TYR A 114 -6.73 -1.86 8.73
N ILE A 115 -5.54 -1.54 8.22
CA ILE A 115 -4.60 -2.37 7.49
C ILE A 115 -3.23 -2.19 8.14
N GLU A 116 -2.40 -3.22 8.06
CA GLU A 116 -1.00 -3.13 8.43
C GLU A 116 -0.21 -2.32 7.41
N LEU A 117 -0.28 -0.98 7.50
CA LEU A 117 0.56 -0.07 6.75
C LEU A 117 1.96 0.11 7.36
N PHE A 118 2.99 -0.42 6.69
CA PHE A 118 4.37 -0.39 7.20
C PHE A 118 5.45 -0.27 6.13
N LEU A 119 6.38 0.68 6.35
CA LEU A 119 7.64 0.78 5.60
C LEU A 119 8.50 -0.47 5.78
N ASN A 120 9.37 -0.67 4.80
CA ASN A 120 10.33 -1.77 4.75
C ASN A 120 11.61 -1.41 3.97
N SER A 121 11.78 -0.12 3.66
CA SER A 121 12.71 0.33 2.59
C SER A 121 13.49 1.62 2.89
N THR A 122 14.30 2.08 1.92
CA THR A 122 15.19 3.26 1.96
C THR A 122 14.82 4.25 0.86
N THR A 123 15.13 5.56 1.02
CA THR A 123 15.01 6.56 -0.07
C THR A 123 15.68 6.11 -1.37
N GLY A 124 14.91 6.15 -2.45
CA GLY A 124 15.16 5.51 -3.74
C GLY A 124 13.92 5.57 -4.64
N ALA A 125 14.09 5.40 -5.94
CA ALA A 125 13.02 5.46 -6.95
C ALA A 125 13.27 4.50 -8.13
N THR A 45 12.52 -0.31 -8.72
CA THR A 45 12.34 1.16 -8.85
C THR A 45 13.14 1.89 -7.78
N GLY A 46 12.63 1.98 -6.54
CA GLY A 46 13.32 2.49 -5.36
C GLY A 46 12.65 2.00 -4.07
N HIS A 47 12.05 2.93 -3.31
CA HIS A 47 11.31 2.68 -2.07
C HIS A 47 10.26 1.58 -2.13
N CYS A 48 9.91 0.92 -1.01
CA CYS A 48 8.66 0.13 -0.99
C CYS A 48 7.92 0.06 0.35
N VAL A 49 6.61 -0.25 0.30
CA VAL A 49 5.72 -0.27 1.47
C VAL A 49 4.76 -1.44 1.42
N HIS A 50 4.91 -2.29 2.43
CA HIS A 50 4.13 -3.51 2.61
C HIS A 50 2.74 -3.21 3.20
N MET A 51 1.76 -4.07 2.90
CA MET A 51 0.39 -4.03 3.40
C MET A 51 -0.09 -5.43 3.74
N ARG A 52 -0.87 -5.54 4.82
CA ARG A 52 -1.66 -6.76 5.08
C ARG A 52 -3.02 -6.46 5.69
N GLY A 53 -4.01 -7.27 5.30
CA GLY A 53 -5.36 -7.25 5.84
C GLY A 53 -6.36 -6.55 4.93
N LEU A 54 -5.99 -6.32 3.66
CA LEU A 54 -6.83 -5.63 2.68
C LEU A 54 -8.20 -6.31 2.55
N PRO A 55 -9.28 -5.54 2.32
CA PRO A 55 -10.62 -6.10 2.18
C PRO A 55 -10.78 -6.77 0.81
N TYR A 56 -11.84 -7.56 0.64
CA TYR A 56 -12.08 -8.27 -0.62
C TYR A 56 -12.28 -7.35 -1.85
N LYS A 57 -12.63 -6.07 -1.64
CA LYS A 57 -12.72 -5.02 -2.66
C LYS A 57 -11.38 -4.42 -3.13
N ALA A 58 -10.25 -4.73 -2.50
CA ALA A 58 -8.94 -4.20 -2.85
C ALA A 58 -8.50 -4.46 -4.31
N THR A 59 -7.73 -3.51 -4.83
CA THR A 59 -6.97 -3.47 -6.09
C THR A 59 -5.71 -2.65 -5.89
N GLU A 60 -4.78 -2.66 -6.84
CA GLU A 60 -3.54 -1.90 -6.74
C GLU A 60 -3.79 -0.39 -6.70
N ASN A 61 -4.59 0.14 -7.62
CA ASN A 61 -4.90 1.56 -7.62
C ASN A 61 -5.77 1.95 -6.42
N ASP A 62 -6.61 1.00 -6.00
CA ASP A 62 -7.40 1.12 -4.79
C ASP A 62 -6.53 1.36 -3.56
N ILE A 63 -5.43 0.61 -3.41
CA ILE A 63 -4.60 0.72 -2.22
C ILE A 63 -3.76 1.98 -2.21
N TYR A 64 -3.14 2.34 -3.33
CA TYR A 64 -2.16 3.41 -3.26
C TYR A 64 -2.81 4.79 -3.27
N ASN A 65 -4.02 4.88 -3.83
CA ASN A 65 -4.82 6.10 -3.75
C ASN A 65 -5.53 6.26 -2.39
N PHE A 66 -5.77 5.16 -1.65
CA PHE A 66 -6.16 5.28 -0.25
C PHE A 66 -4.93 5.69 0.58
N PHE A 67 -3.79 4.99 0.46
CA PHE A 67 -2.55 5.18 1.22
C PHE A 67 -2.14 6.65 1.33
N SER A 68 -2.41 7.44 0.31
CA SER A 68 -2.80 8.88 0.29
C SER A 68 -2.82 9.35 -1.17
N PRO A 69 -2.87 10.65 -1.44
CA PRO A 69 -2.39 11.24 -2.67
C PRO A 69 -0.97 10.88 -3.20
N LEU A 70 -0.73 9.62 -3.55
CA LEU A 70 0.57 9.05 -3.93
C LEU A 70 0.60 8.38 -5.32
N ASN A 71 1.80 7.99 -5.76
CA ASN A 71 2.12 7.20 -6.95
C ASN A 71 3.29 6.22 -6.65
N PRO A 72 3.00 4.97 -6.22
CA PRO A 72 3.85 3.81 -6.39
C PRO A 72 4.05 3.62 -7.87
N VAL A 73 5.29 3.85 -8.24
CA VAL A 73 5.80 3.64 -9.59
C VAL A 73 5.86 2.15 -9.98
N ARG A 74 5.52 1.27 -9.03
CA ARG A 74 5.22 -0.16 -9.22
C ARG A 74 4.26 -0.66 -8.11
N VAL A 75 3.33 -1.59 -8.38
CA VAL A 75 2.48 -2.22 -7.31
C VAL A 75 2.42 -3.75 -7.44
N HIS A 76 2.34 -4.48 -6.32
CA HIS A 76 1.97 -5.91 -6.25
C HIS A 76 0.87 -6.10 -5.19
N ILE A 77 -0.26 -6.72 -5.58
CA ILE A 77 -1.58 -6.61 -4.93
C ILE A 77 -2.14 -7.97 -4.46
N GLU A 78 -1.20 -8.84 -4.17
CA GLU A 78 -1.36 -10.29 -4.20
C GLU A 78 -2.36 -10.88 -3.18
N ILE A 79 -3.18 -11.82 -3.65
CA ILE A 79 -4.05 -12.71 -2.84
C ILE A 79 -4.68 -13.81 -3.73
N GLY A 80 -5.65 -14.53 -3.16
CA GLY A 80 -6.45 -15.61 -3.72
C GLY A 80 -6.65 -15.60 -5.26
N PRO A 81 -7.61 -14.81 -5.78
CA PRO A 81 -7.89 -14.71 -7.22
C PRO A 81 -6.96 -13.73 -7.95
N ASP A 82 -6.92 -12.47 -7.51
CA ASP A 82 -6.36 -11.30 -8.22
C ASP A 82 -6.11 -10.10 -7.26
N GLY A 83 -6.25 -10.32 -5.94
CA GLY A 83 -6.19 -9.29 -4.89
C GLY A 83 -7.44 -9.11 -4.04
N ARG A 84 -8.41 -10.03 -4.12
CA ARG A 84 -9.81 -9.75 -3.79
C ARG A 84 -10.36 -10.65 -2.66
N VAL A 85 -9.55 -10.89 -1.61
CA VAL A 85 -9.98 -11.70 -0.43
C VAL A 85 -9.60 -11.05 0.89
N THR A 86 -8.29 -10.99 1.11
CA THR A 86 -7.64 -10.67 2.40
C THR A 86 -6.31 -9.91 2.23
N GLY A 87 -6.05 -9.41 1.01
CA GLY A 87 -4.83 -8.86 0.40
C GLY A 87 -3.59 -8.59 1.25
N GLU A 88 -2.46 -9.05 0.71
CA GLU A 88 -1.16 -9.15 1.37
C GLU A 88 -0.06 -8.80 0.35
N ALA A 89 0.33 -7.53 0.34
CA ALA A 89 0.76 -6.77 -0.84
C ALA A 89 1.96 -5.84 -0.55
N ASP A 90 2.52 -5.20 -1.59
CA ASP A 90 3.39 -4.03 -1.45
C ASP A 90 3.41 -3.13 -2.69
N VAL A 91 3.98 -1.95 -2.48
CA VAL A 91 3.89 -0.84 -3.41
C VAL A 91 5.21 -0.10 -3.38
N GLU A 92 5.69 0.24 -4.55
CA GLU A 92 7.06 0.70 -4.75
C GLU A 92 7.07 2.16 -5.15
N PHE A 93 7.51 3.02 -4.25
CA PHE A 93 7.18 4.45 -4.24
C PHE A 93 8.34 5.37 -4.67
N ALA A 94 8.04 6.68 -4.78
CA ALA A 94 9.01 7.75 -4.84
C ALA A 94 9.42 8.26 -3.43
N THR A 95 9.91 7.37 -2.59
CA THR A 95 10.91 7.56 -1.53
C THR A 95 10.32 7.24 -0.18
N HIS A 96 11.14 7.28 0.86
CA HIS A 96 10.62 7.25 2.23
C HIS A 96 9.60 8.34 2.38
N GLU A 97 9.82 9.50 1.78
CA GLU A 97 8.96 10.67 1.83
C GLU A 97 7.61 10.48 1.09
N GLU A 98 7.54 9.72 -0.01
CA GLU A 98 6.26 9.23 -0.54
C GLU A 98 5.57 8.22 0.40
N ALA A 99 6.35 7.25 0.87
CA ALA A 99 5.89 6.14 1.69
C ALA A 99 5.48 6.50 3.14
N VAL A 100 6.12 7.50 3.70
CA VAL A 100 5.94 8.02 5.06
C VAL A 100 4.78 9.01 5.10
N ALA A 101 4.54 9.68 3.98
CA ALA A 101 3.26 10.35 3.79
C ALA A 101 2.12 9.30 3.70
N ALA A 102 2.41 8.10 3.20
CA ALA A 102 1.48 6.98 3.25
C ALA A 102 1.24 6.44 4.69
N MET A 103 2.29 6.43 5.53
CA MET A 103 2.31 6.03 6.95
C MET A 103 1.46 6.89 7.91
N SER A 104 0.81 7.91 7.38
CA SER A 104 0.31 9.03 8.20
C SER A 104 -1.06 8.77 8.84
N LYS A 105 -1.71 7.66 8.45
CA LYS A 105 -3.17 7.48 8.50
C LYS A 105 -3.66 6.04 8.45
N ASP A 106 -2.82 5.07 8.78
CA ASP A 106 -3.00 3.59 8.78
C ASP A 106 -4.42 2.95 8.71
N ARG A 107 -5.44 3.53 9.35
CA ARG A 107 -6.86 3.13 9.42
C ARG A 107 -7.52 2.68 8.12
N ALA A 108 -7.13 3.27 7.02
CA ALA A 108 -8.13 4.23 6.50
C ALA A 108 -8.81 3.77 5.19
N ASN A 109 -8.76 2.47 4.97
CA ASN A 109 -8.85 1.80 3.67
C ASN A 109 -10.14 1.02 3.43
N MET A 110 -10.65 0.44 4.53
CA MET A 110 -11.61 -0.65 4.50
C MET A 110 -12.78 -0.32 5.41
N GLN A 111 -13.78 0.34 4.83
CA GLN A 111 -14.93 0.90 5.55
C GLN A 111 -14.51 1.92 6.65
N HIS A 112 -13.29 2.47 6.54
CA HIS A 112 -12.47 3.05 7.63
C HIS A 112 -12.36 2.15 8.88
N ARG A 113 -11.18 1.54 9.09
CA ARG A 113 -10.89 0.69 10.26
C ARG A 113 -9.39 0.47 10.48
N TYR A 114 -8.72 -0.40 9.71
CA TYR A 114 -7.24 -0.50 9.63
C TYR A 114 -6.69 -1.52 8.64
N ILE A 115 -5.47 -1.24 8.17
CA ILE A 115 -4.58 -2.09 7.39
C ILE A 115 -3.16 -1.96 7.95
N GLU A 116 -2.41 -3.05 7.92
CA GLU A 116 -0.99 -3.09 8.25
C GLU A 116 -0.11 -2.41 7.18
N LEU A 117 -0.23 -1.08 7.07
CA LEU A 117 0.61 -0.21 6.27
C LEU A 117 1.99 0.01 6.90
N PHE A 118 3.07 -0.47 6.27
CA PHE A 118 4.42 -0.34 6.86
C PHE A 118 5.56 -0.16 5.86
N LEU A 119 6.42 0.81 6.17
CA LEU A 119 7.71 1.06 5.52
C LEU A 119 8.66 -0.13 5.59
N ASN A 120 9.62 -0.10 4.67
CA ASN A 120 10.73 -1.05 4.57
C ASN A 120 12.14 -0.40 4.53
N SER A 121 12.23 0.93 4.51
CA SER A 121 13.33 1.62 3.81
C SER A 121 13.54 3.10 4.24
N THR A 122 14.58 3.74 3.69
CA THR A 122 14.93 5.18 3.87
C THR A 122 15.07 5.87 2.49
N THR A 123 14.90 7.20 2.41
CA THR A 123 15.01 8.03 1.18
C THR A 123 16.39 7.87 0.53
N GLY A 124 16.45 7.01 -0.49
CA GLY A 124 17.67 6.61 -1.17
C GLY A 124 17.52 5.39 -2.09
N ALA A 125 16.45 5.23 -2.88
CA ALA A 125 15.41 6.22 -3.23
C ALA A 125 14.04 5.84 -2.65
N THR A 45 14.81 0.40 -8.69
CA THR A 45 13.39 0.28 -8.33
C THR A 45 13.22 0.13 -6.82
N GLY A 46 12.67 1.17 -6.22
CA GLY A 46 12.30 1.36 -4.81
C GLY A 46 11.59 2.72 -4.73
N HIS A 47 11.27 3.28 -3.57
CA HIS A 47 10.99 2.72 -2.24
C HIS A 47 10.00 1.54 -2.29
N CYS A 48 9.68 0.90 -1.16
CA CYS A 48 8.44 0.12 -1.06
C CYS A 48 7.73 0.17 0.30
N VAL A 49 6.43 -0.21 0.35
CA VAL A 49 5.59 -0.25 1.55
C VAL A 49 4.70 -1.49 1.52
N HIS A 50 4.50 -2.09 2.69
CA HIS A 50 3.90 -3.40 2.89
C HIS A 50 2.47 -3.28 3.46
N MET A 51 1.62 -4.26 3.15
CA MET A 51 0.18 -4.28 3.48
C MET A 51 -0.29 -5.67 3.84
N ARG A 52 -1.06 -5.79 4.92
CA ARG A 52 -1.79 -7.04 5.23
C ARG A 52 -3.19 -6.79 5.80
N GLY A 53 -4.16 -7.51 5.24
CA GLY A 53 -5.57 -7.55 5.68
C GLY A 53 -6.57 -7.00 4.65
N LEU A 54 -6.16 -6.81 3.39
CA LEU A 54 -6.97 -6.20 2.34
C LEU A 54 -8.36 -6.87 2.19
N PRO A 55 -9.44 -6.08 2.02
CA PRO A 55 -10.82 -6.51 2.34
C PRO A 55 -11.58 -7.24 1.22
N TYR A 56 -10.94 -7.99 0.33
CA TYR A 56 -11.50 -8.53 -0.93
C TYR A 56 -11.86 -7.49 -2.01
N LYS A 57 -12.34 -6.28 -1.65
CA LYS A 57 -12.58 -5.20 -2.63
C LYS A 57 -11.31 -4.47 -3.12
N ALA A 58 -10.15 -4.75 -2.51
CA ALA A 58 -8.86 -4.19 -2.92
C ALA A 58 -8.46 -4.49 -4.38
N THR A 59 -7.61 -3.59 -4.88
CA THR A 59 -6.91 -3.53 -6.16
C THR A 59 -5.65 -2.72 -5.97
N GLU A 60 -4.69 -2.82 -6.89
CA GLU A 60 -3.53 -1.93 -6.87
C GLU A 60 -3.91 -0.47 -6.76
N ASN A 61 -4.80 0.04 -7.61
CA ASN A 61 -5.18 1.44 -7.54
C ASN A 61 -5.97 1.79 -6.30
N ASP A 62 -6.77 0.84 -5.81
CA ASP A 62 -7.46 0.97 -4.54
C ASP A 62 -6.48 1.25 -3.39
N ILE A 63 -5.43 0.43 -3.31
CA ILE A 63 -4.54 0.44 -2.15
C ILE A 63 -3.63 1.65 -2.13
N TYR A 64 -3.19 2.15 -3.28
CA TYR A 64 -2.24 3.25 -3.25
C TYR A 64 -2.90 4.61 -3.26
N ASN A 65 -4.10 4.70 -3.83
CA ASN A 65 -4.86 5.96 -3.81
C ASN A 65 -5.49 6.27 -2.44
N PHE A 66 -5.61 5.27 -1.55
CA PHE A 66 -5.99 5.51 -0.16
C PHE A 66 -4.75 5.72 0.72
N PHE A 67 -3.62 5.01 0.48
CA PHE A 67 -2.33 5.23 1.18
C PHE A 67 -2.03 6.73 1.25
N SER A 68 -2.25 7.42 0.14
CA SER A 68 -2.73 8.81 0.00
C SER A 68 -2.96 9.16 -1.48
N PRO A 69 -3.21 10.42 -1.90
CA PRO A 69 -3.11 10.87 -3.29
C PRO A 69 -1.72 10.68 -4.00
N LEU A 70 -0.99 9.62 -3.65
CA LEU A 70 0.38 9.26 -4.04
C LEU A 70 0.51 8.72 -5.47
N ASN A 71 1.76 8.56 -5.90
CA ASN A 71 2.18 7.99 -7.18
C ASN A 71 3.31 6.95 -6.99
N PRO A 72 2.95 5.69 -6.68
CA PRO A 72 3.77 4.51 -6.85
C PRO A 72 4.28 4.46 -8.28
N VAL A 73 5.58 4.24 -8.33
CA VAL A 73 6.34 3.94 -9.53
C VAL A 73 6.19 2.47 -9.91
N ARG A 74 5.59 1.68 -9.00
CA ARG A 74 5.14 0.29 -9.21
C ARG A 74 4.11 -0.16 -8.14
N VAL A 75 3.35 -1.23 -8.36
CA VAL A 75 2.52 -1.92 -7.34
C VAL A 75 2.62 -3.45 -7.49
N HIS A 76 2.43 -4.16 -6.38
CA HIS A 76 2.49 -5.61 -6.24
C HIS A 76 1.39 -6.09 -5.30
N ILE A 77 0.17 -6.07 -5.84
CA ILE A 77 -1.14 -6.36 -5.23
C ILE A 77 -1.39 -7.87 -4.94
N GLU A 78 -0.35 -8.50 -4.42
CA GLU A 78 -0.15 -9.95 -4.31
C GLU A 78 -1.16 -10.63 -3.37
N ILE A 79 -1.74 -11.74 -3.86
CA ILE A 79 -2.96 -12.38 -3.34
C ILE A 79 -3.30 -13.66 -4.11
N GLY A 80 -4.52 -14.17 -3.92
CA GLY A 80 -5.23 -15.05 -4.83
C GLY A 80 -5.16 -14.70 -6.33
N PRO A 81 -6.17 -13.98 -6.90
CA PRO A 81 -6.26 -13.65 -8.32
C PRO A 81 -5.56 -12.33 -8.72
N ASP A 82 -6.00 -11.19 -8.18
CA ASP A 82 -5.80 -9.84 -8.77
C ASP A 82 -5.92 -8.69 -7.73
N GLY A 83 -6.00 -9.05 -6.44
CA GLY A 83 -6.25 -8.17 -5.28
C GLY A 83 -7.42 -8.57 -4.37
N ARG A 84 -8.11 -9.70 -4.59
CA ARG A 84 -9.56 -9.80 -4.31
C ARG A 84 -9.94 -10.82 -3.22
N VAL A 85 -9.06 -11.05 -2.23
CA VAL A 85 -9.22 -12.12 -1.23
C VAL A 85 -8.93 -11.69 0.22
N THR A 86 -7.66 -11.73 0.59
CA THR A 86 -7.16 -11.74 2.00
C THR A 86 -6.01 -10.77 2.27
N GLY A 87 -5.08 -10.63 1.32
CA GLY A 87 -4.44 -9.36 1.04
C GLY A 87 -3.08 -9.18 1.66
N GLU A 88 -2.01 -9.54 0.94
CA GLU A 88 -0.66 -9.61 1.47
C GLU A 88 0.38 -9.08 0.47
N ALA A 89 0.38 -7.77 0.30
CA ALA A 89 0.84 -7.04 -0.87
C ALA A 89 1.86 -5.96 -0.52
N ASP A 90 2.53 -5.43 -1.54
CA ASP A 90 3.50 -4.35 -1.42
C ASP A 90 3.37 -3.38 -2.60
N VAL A 91 3.94 -2.19 -2.43
CA VAL A 91 3.73 -1.03 -3.31
C VAL A 91 4.95 -0.17 -3.29
N GLU A 92 5.28 0.43 -4.43
CA GLU A 92 6.64 0.85 -4.68
C GLU A 92 6.67 2.30 -5.15
N PHE A 93 7.33 3.16 -4.38
CA PHE A 93 7.04 4.60 -4.38
C PHE A 93 8.25 5.49 -4.70
N ALA A 94 8.02 6.76 -5.03
CA ALA A 94 9.01 7.82 -5.06
C ALA A 94 9.45 8.29 -3.66
N THR A 95 9.91 7.36 -2.85
CA THR A 95 10.99 7.43 -1.86
C THR A 95 10.44 7.11 -0.49
N HIS A 96 11.31 7.05 0.52
CA HIS A 96 10.84 7.05 1.92
C HIS A 96 9.85 8.18 2.11
N GLU A 97 10.09 9.33 1.51
CA GLU A 97 9.32 10.54 1.63
C GLU A 97 7.95 10.48 0.91
N GLU A 98 7.80 9.76 -0.22
CA GLU A 98 6.47 9.39 -0.73
C GLU A 98 5.72 8.43 0.20
N ALA A 99 6.43 7.39 0.63
CA ALA A 99 5.90 6.29 1.42
C ALA A 99 5.58 6.62 2.88
N VAL A 100 6.33 7.54 3.48
CA VAL A 100 6.18 8.03 4.85
C VAL A 100 5.06 9.06 4.91
N ALA A 101 4.83 9.75 3.79
CA ALA A 101 3.60 10.50 3.63
C ALA A 101 2.38 9.58 3.44
N ALA A 102 2.58 8.37 2.91
CA ALA A 102 1.61 7.28 3.01
C ALA A 102 1.32 6.88 4.47
N MET A 103 2.35 6.98 5.32
CA MET A 103 2.31 6.64 6.75
C MET A 103 1.82 7.77 7.64
N SER A 104 0.61 8.22 7.34
CA SER A 104 -0.01 9.39 7.95
C SER A 104 -1.47 9.18 8.42
N LYS A 105 -2.06 8.04 8.04
CA LYS A 105 -3.51 7.74 8.12
C LYS A 105 -3.89 6.27 8.32
N ASP A 106 -2.95 5.32 8.23
CA ASP A 106 -3.04 3.86 8.41
C ASP A 106 -4.39 3.13 8.20
N ARG A 107 -5.41 3.37 9.02
CA ARG A 107 -6.70 2.64 9.12
C ARG A 107 -7.61 2.53 7.89
N ALA A 108 -7.24 3.02 6.72
CA ALA A 108 -8.16 3.95 6.05
C ALA A 108 -8.68 3.48 4.67
N ASN A 109 -8.52 2.19 4.40
CA ASN A 109 -8.74 1.52 3.13
C ASN A 109 -10.11 0.87 2.96
N MET A 110 -10.64 0.33 4.05
CA MET A 110 -11.63 -0.75 4.01
C MET A 110 -12.84 -0.40 4.86
N GLN A 111 -13.74 0.38 4.26
CA GLN A 111 -14.88 0.99 4.94
C GLN A 111 -14.45 1.92 6.10
N HIS A 112 -13.19 2.40 6.09
CA HIS A 112 -12.49 3.09 7.18
C HIS A 112 -12.49 2.30 8.51
N ARG A 113 -11.43 1.49 8.74
CA ARG A 113 -11.33 0.53 9.87
C ARG A 113 -9.91 0.06 10.22
N TYR A 114 -9.15 -0.52 9.27
CA TYR A 114 -7.67 -0.73 9.24
C TYR A 114 -7.10 -1.90 8.43
N ILE A 115 -5.91 -1.61 7.89
CA ILE A 115 -4.95 -2.48 7.22
C ILE A 115 -3.57 -2.27 7.87
N GLU A 116 -2.79 -3.33 7.96
CA GLU A 116 -1.37 -3.31 8.34
C GLU A 116 -0.50 -2.62 7.29
N LEU A 117 -0.59 -1.28 7.20
CA LEU A 117 0.33 -0.47 6.44
C LEU A 117 1.64 -0.25 7.20
N PHE A 118 2.78 -0.56 6.56
CA PHE A 118 4.11 -0.51 7.17
C PHE A 118 5.23 -0.24 6.16
N LEU A 119 6.08 0.75 6.45
CA LEU A 119 7.37 0.93 5.78
C LEU A 119 8.32 -0.24 6.02
N ASN A 120 9.24 -0.39 5.07
CA ASN A 120 10.26 -1.43 5.06
C ASN A 120 11.57 -1.00 4.36
N SER A 121 11.69 0.29 4.01
CA SER A 121 12.65 0.74 2.97
C SER A 121 13.39 2.06 3.30
N THR A 122 14.17 2.58 2.34
CA THR A 122 15.05 3.79 2.44
C THR A 122 14.79 4.76 1.26
N THR A 123 15.20 6.04 1.36
CA THR A 123 15.09 7.07 0.29
C THR A 123 15.99 6.79 -0.94
N GLY A 124 15.58 5.76 -1.70
CA GLY A 124 16.06 5.41 -3.04
C GLY A 124 14.88 5.21 -4.01
N ALA A 125 15.21 4.90 -5.27
CA ALA A 125 14.25 4.84 -6.39
C ALA A 125 14.51 3.69 -7.39
N THR A 45 13.55 -0.24 -8.38
CA THR A 45 12.91 -0.06 -7.05
C THR A 45 13.68 -0.87 -5.99
N GLY A 46 13.55 -0.64 -4.67
CA GLY A 46 12.62 0.23 -3.93
C GLY A 46 12.68 1.74 -4.24
N HIS A 47 11.90 2.60 -3.56
CA HIS A 47 11.13 2.35 -2.33
C HIS A 47 10.05 1.25 -2.40
N CYS A 48 9.65 0.69 -1.27
CA CYS A 48 8.34 0.02 -1.16
C CYS A 48 7.68 0.07 0.22
N VAL A 49 6.37 -0.18 0.28
CA VAL A 49 5.55 -0.13 1.50
C VAL A 49 4.62 -1.33 1.56
N HIS A 50 4.70 -2.02 2.68
CA HIS A 50 4.02 -3.26 2.98
C HIS A 50 2.60 -3.01 3.50
N MET A 51 1.68 -3.92 3.19
CA MET A 51 0.28 -3.89 3.57
C MET A 51 -0.22 -5.29 3.88
N ARG A 52 -0.96 -5.45 4.98
CA ARG A 52 -1.70 -6.70 5.21
C ARG A 52 -3.09 -6.49 5.80
N GLY A 53 -4.04 -7.28 5.31
CA GLY A 53 -5.43 -7.34 5.78
C GLY A 53 -6.43 -6.74 4.79
N LEU A 54 -6.01 -6.48 3.55
CA LEU A 54 -6.82 -5.74 2.55
C LEU A 54 -8.19 -6.40 2.31
N PRO A 55 -9.23 -5.62 1.98
CA PRO A 55 -10.57 -6.15 1.75
C PRO A 55 -10.67 -6.90 0.42
N TYR A 56 -11.77 -7.65 0.25
CA TYR A 56 -12.13 -8.31 -1.01
C TYR A 56 -12.36 -7.36 -2.20
N LYS A 57 -12.53 -6.05 -1.98
CA LYS A 57 -12.55 -5.03 -3.05
C LYS A 57 -11.19 -4.39 -3.36
N ALA A 58 -10.08 -4.80 -2.73
CA ALA A 58 -8.76 -4.29 -3.01
C ALA A 58 -8.32 -4.61 -4.45
N THR A 59 -7.62 -3.64 -5.03
CA THR A 59 -6.87 -3.64 -6.30
C THR A 59 -5.66 -2.75 -6.10
N GLU A 60 -4.65 -2.86 -6.95
CA GLU A 60 -3.43 -2.06 -6.81
C GLU A 60 -3.72 -0.55 -6.82
N ASN A 61 -4.54 -0.07 -7.73
CA ASN A 61 -4.88 1.34 -7.78
C ASN A 61 -5.81 1.74 -6.63
N ASP A 62 -6.69 0.82 -6.27
CA ASP A 62 -7.56 0.96 -5.12
C ASP A 62 -6.75 1.24 -3.83
N ILE A 63 -5.63 0.53 -3.65
CA ILE A 63 -4.82 0.66 -2.44
C ILE A 63 -3.98 1.93 -2.43
N TYR A 64 -3.23 2.22 -3.48
CA TYR A 64 -2.31 3.35 -3.38
C TYR A 64 -3.04 4.69 -3.42
N ASN A 65 -4.24 4.69 -4.02
CA ASN A 65 -5.12 5.85 -3.98
C ASN A 65 -5.99 5.92 -2.71
N PHE A 66 -6.09 4.84 -1.92
CA PHE A 66 -6.54 4.99 -0.54
C PHE A 66 -5.43 5.67 0.25
N PHE A 67 -4.20 5.10 0.18
CA PHE A 67 -3.08 5.34 1.11
C PHE A 67 -3.05 6.83 1.42
N SER A 68 -2.66 7.60 0.40
CA SER A 68 -2.75 9.06 0.35
C SER A 68 -2.83 9.55 -1.11
N PRO A 69 -2.78 10.87 -1.39
CA PRO A 69 -2.58 11.43 -2.74
C PRO A 69 -1.29 11.04 -3.51
N LEU A 70 -0.76 9.84 -3.29
CA LEU A 70 0.56 9.35 -3.72
C LEU A 70 0.58 8.82 -5.16
N ASN A 71 1.78 8.59 -5.67
CA ASN A 71 2.10 8.01 -6.98
C ASN A 71 3.27 6.99 -6.85
N PRO A 72 2.96 5.72 -6.53
CA PRO A 72 3.80 4.57 -6.74
C PRO A 72 4.27 4.54 -8.18
N VAL A 73 5.55 4.26 -8.27
CA VAL A 73 6.27 3.96 -9.49
C VAL A 73 6.11 2.48 -9.87
N ARG A 74 5.51 1.69 -8.96
CA ARG A 74 5.07 0.31 -9.17
C ARG A 74 4.04 -0.14 -8.10
N VAL A 75 3.32 -1.24 -8.32
CA VAL A 75 2.49 -1.91 -7.28
C VAL A 75 2.52 -3.43 -7.48
N HIS A 76 2.34 -4.19 -6.40
CA HIS A 76 1.91 -5.59 -6.44
C HIS A 76 0.81 -5.83 -5.39
N ILE A 77 -0.10 -6.76 -5.70
CA ILE A 77 -1.48 -6.77 -5.17
C ILE A 77 -2.01 -8.21 -5.00
N GLU A 78 -1.30 -8.91 -4.16
CA GLU A 78 -1.29 -10.37 -4.12
C GLU A 78 -2.15 -10.96 -3.00
N ILE A 79 -2.99 -11.92 -3.38
CA ILE A 79 -3.80 -12.81 -2.52
C ILE A 79 -4.42 -13.95 -3.36
N GLY A 80 -5.39 -14.65 -2.77
CA GLY A 80 -6.18 -15.76 -3.30
C GLY A 80 -6.35 -15.81 -4.83
N PRO A 81 -7.29 -15.02 -5.40
CA PRO A 81 -7.56 -14.97 -6.84
C PRO A 81 -6.62 -14.00 -7.60
N ASP A 82 -6.60 -12.73 -7.17
CA ASP A 82 -6.11 -11.57 -7.93
C ASP A 82 -5.91 -10.32 -7.03
N GLY A 83 -6.02 -10.50 -5.69
CA GLY A 83 -5.97 -9.41 -4.68
C GLY A 83 -7.23 -9.24 -3.84
N ARG A 84 -8.18 -10.19 -3.88
CA ARG A 84 -9.59 -9.93 -3.55
C ARG A 84 -10.11 -10.81 -2.40
N VAL A 85 -9.31 -11.02 -1.34
CA VAL A 85 -9.73 -11.81 -0.16
C VAL A 85 -9.37 -11.11 1.16
N THR A 86 -8.07 -11.00 1.37
CA THR A 86 -7.44 -10.63 2.65
C THR A 86 -6.10 -9.86 2.47
N GLY A 87 -5.83 -9.43 1.23
CA GLY A 87 -4.60 -8.91 0.61
C GLY A 87 -3.40 -8.56 1.49
N GLU A 88 -2.24 -9.05 1.05
CA GLU A 88 -1.01 -9.12 1.83
C GLU A 88 0.18 -8.88 0.88
N ALA A 89 0.41 -7.60 0.56
CA ALA A 89 1.06 -7.13 -0.65
C ALA A 89 1.90 -5.84 -0.43
N ASP A 90 2.51 -5.27 -1.47
CA ASP A 90 3.50 -4.17 -1.35
C ASP A 90 3.47 -3.22 -2.55
N VAL A 91 3.84 -1.98 -2.30
CA VAL A 91 3.65 -0.86 -3.25
C VAL A 91 4.84 0.05 -3.25
N GLU A 92 5.23 0.49 -4.43
CA GLU A 92 6.61 0.85 -4.68
C GLU A 92 6.70 2.30 -5.11
N PHE A 93 7.35 3.14 -4.32
CA PHE A 93 7.10 4.58 -4.30
C PHE A 93 8.31 5.42 -4.70
N ALA A 94 8.11 6.74 -4.81
CA ALA A 94 9.16 7.74 -4.87
C ALA A 94 9.60 8.21 -3.47
N THR A 95 10.08 7.28 -2.68
CA THR A 95 11.14 7.38 -1.68
C THR A 95 10.58 7.13 -0.30
N HIS A 96 11.45 7.08 0.71
CA HIS A 96 10.97 7.01 2.08
C HIS A 96 9.98 8.13 2.36
N GLU A 97 10.16 9.31 1.77
CA GLU A 97 9.28 10.47 1.83
C GLU A 97 7.93 10.31 1.10
N GLU A 98 7.82 9.61 -0.04
CA GLU A 98 6.52 9.22 -0.57
C GLU A 98 5.82 8.18 0.33
N ALA A 99 6.59 7.22 0.79
CA ALA A 99 6.16 6.06 1.54
C ALA A 99 5.82 6.32 3.02
N VAL A 100 6.47 7.31 3.63
CA VAL A 100 6.22 7.81 4.98
C VAL A 100 5.02 8.75 4.98
N ALA A 101 4.80 9.44 3.86
CA ALA A 101 3.53 10.11 3.64
C ALA A 101 2.39 9.10 3.42
N ALA A 102 2.73 7.85 3.07
CA ALA A 102 1.84 6.69 3.11
C ALA A 102 1.69 6.07 4.52
N MET A 103 2.68 6.20 5.40
CA MET A 103 2.59 5.78 6.83
C MET A 103 1.54 6.54 7.64
N SER A 104 1.44 7.84 7.37
CA SER A 104 0.85 8.91 8.17
C SER A 104 -0.66 8.84 8.54
N LYS A 105 -1.34 7.74 8.20
CA LYS A 105 -2.77 7.44 8.42
C LYS A 105 -3.08 6.08 9.02
N ASP A 106 -2.22 5.09 8.77
CA ASP A 106 -2.33 3.62 8.82
C ASP A 106 -3.69 2.89 8.66
N ARG A 107 -4.81 3.38 9.19
CA ARG A 107 -6.04 2.60 9.38
C ARG A 107 -7.03 2.53 8.22
N ALA A 108 -6.70 3.10 7.08
CA ALA A 108 -7.66 4.06 6.49
C ALA A 108 -8.31 3.60 5.17
N ASN A 109 -8.21 2.30 4.92
CA ASN A 109 -8.34 1.65 3.62
C ASN A 109 -9.71 1.07 3.31
N MET A 110 -10.30 0.46 4.33
CA MET A 110 -11.35 -0.55 4.18
C MET A 110 -12.46 -0.21 5.15
N GLN A 111 -13.39 0.60 4.68
CA GLN A 111 -14.48 1.17 5.48
C GLN A 111 -13.96 2.06 6.65
N HIS A 112 -12.70 2.53 6.56
CA HIS A 112 -11.93 3.20 7.64
C HIS A 112 -11.91 2.39 8.96
N ARG A 113 -10.89 1.53 9.12
CA ARG A 113 -10.85 0.45 10.15
C ARG A 113 -9.41 0.11 10.56
N TYR A 114 -8.65 -0.58 9.68
CA TYR A 114 -7.18 -0.76 9.68
C TYR A 114 -6.64 -1.84 8.75
N ILE A 115 -5.39 -1.58 8.34
CA ILE A 115 -4.47 -2.37 7.52
C ILE A 115 -3.08 -2.20 8.10
N GLU A 116 -2.30 -3.26 8.06
CA GLU A 116 -0.91 -3.26 8.50
C GLU A 116 -0.02 -2.59 7.45
N LEU A 117 -0.13 -1.26 7.39
CA LEU A 117 0.67 -0.35 6.61
C LEU A 117 2.03 -0.05 7.26
N PHE A 118 3.13 -0.48 6.62
CA PHE A 118 4.48 -0.36 7.17
C PHE A 118 5.57 -0.17 6.11
N LEU A 119 6.55 0.68 6.41
CA LEU A 119 7.75 0.87 5.59
C LEU A 119 8.65 -0.38 5.56
N ASN A 120 9.56 -0.38 4.60
CA ASN A 120 10.53 -1.42 4.33
C ASN A 120 11.98 -0.89 4.23
N SER A 121 12.16 0.43 4.21
CA SER A 121 13.25 1.05 3.42
C SER A 121 13.60 2.48 3.85
N THR A 122 14.68 2.99 3.25
CA THR A 122 15.14 4.40 3.26
C THR A 122 15.20 4.90 1.80
N THR A 123 15.41 6.20 1.55
CA THR A 123 15.73 6.76 0.21
C THR A 123 16.89 5.99 -0.47
N GLY A 124 16.52 5.03 -1.32
CA GLY A 124 17.41 4.16 -2.08
C GLY A 124 16.69 3.26 -3.10
N ALA A 125 15.65 3.70 -3.82
CA ALA A 125 15.10 5.06 -3.93
C ALA A 125 13.74 5.17 -3.21
N THR A 45 12.55 4.97 -8.52
CA THR A 45 12.11 3.62 -8.07
C THR A 45 13.11 3.03 -7.10
N GLY A 46 12.61 2.40 -6.02
CA GLY A 46 13.43 1.69 -5.04
C GLY A 46 12.66 1.36 -3.77
N HIS A 47 11.90 2.34 -3.27
CA HIS A 47 11.05 2.16 -2.10
C HIS A 47 9.99 1.06 -2.28
N CYS A 48 9.52 0.47 -1.19
CA CYS A 48 8.16 -0.10 -1.13
C CYS A 48 7.54 -0.09 0.28
N VAL A 49 6.23 -0.37 0.37
CA VAL A 49 5.48 -0.35 1.63
C VAL A 49 4.61 -1.59 1.70
N HIS A 50 4.70 -2.31 2.81
CA HIS A 50 4.01 -3.58 2.99
C HIS A 50 2.62 -3.35 3.60
N MET A 51 1.66 -4.20 3.20
CA MET A 51 0.24 -4.08 3.47
C MET A 51 -0.35 -5.46 3.73
N ARG A 52 -0.97 -5.68 4.89
CA ARG A 52 -1.75 -6.92 5.13
C ARG A 52 -3.06 -6.66 5.84
N GLY A 53 -4.13 -7.29 5.34
CA GLY A 53 -5.49 -7.23 5.88
C GLY A 53 -6.47 -6.47 4.97
N LEU A 54 -6.14 -6.30 3.68
CA LEU A 54 -6.95 -5.59 2.70
C LEU A 54 -8.40 -6.14 2.59
N PRO A 55 -9.36 -5.31 2.14
CA PRO A 55 -10.73 -5.75 1.94
C PRO A 55 -10.89 -6.71 0.75
N TYR A 56 -12.00 -7.44 0.69
CA TYR A 56 -12.35 -8.40 -0.36
C TYR A 56 -12.65 -7.76 -1.75
N LYS A 57 -12.31 -6.48 -1.94
CA LYS A 57 -12.32 -5.73 -3.22
C LYS A 57 -10.98 -5.02 -3.53
N ALA A 58 -9.89 -5.36 -2.82
CA ALA A 58 -8.55 -4.84 -3.04
C ALA A 58 -8.10 -4.84 -4.51
N THR A 59 -7.39 -3.79 -4.90
CA THR A 59 -6.68 -3.63 -6.17
C THR A 59 -5.45 -2.78 -5.97
N GLU A 60 -4.49 -2.85 -6.88
CA GLU A 60 -3.33 -1.97 -6.86
C GLU A 60 -3.73 -0.49 -6.76
N ASN A 61 -4.62 -0.01 -7.61
CA ASN A 61 -5.01 1.38 -7.55
C ASN A 61 -5.83 1.71 -6.32
N ASP A 62 -6.62 0.74 -5.87
CA ASP A 62 -7.38 0.83 -4.64
C ASP A 62 -6.46 1.12 -3.44
N ILE A 63 -5.35 0.38 -3.34
CA ILE A 63 -4.46 0.44 -2.19
C ILE A 63 -3.62 1.72 -2.15
N TYR A 64 -3.12 2.18 -3.29
CA TYR A 64 -2.21 3.31 -3.25
C TYR A 64 -2.92 4.65 -3.26
N ASN A 65 -4.11 4.69 -3.85
CA ASN A 65 -4.93 5.91 -3.86
C ASN A 65 -5.60 6.16 -2.50
N PHE A 66 -5.77 5.12 -1.67
CA PHE A 66 -6.16 5.32 -0.28
C PHE A 66 -4.94 5.68 0.56
N PHE A 67 -3.77 5.01 0.42
CA PHE A 67 -2.53 5.25 1.20
C PHE A 67 -2.16 6.71 1.34
N SER A 68 -2.51 7.55 0.36
CA SER A 68 -2.89 8.99 0.36
C SER A 68 -2.90 9.46 -1.13
N PRO A 69 -2.73 10.74 -1.54
CA PRO A 69 -2.85 11.11 -2.96
C PRO A 69 -1.56 10.87 -3.76
N LEU A 70 -0.97 9.69 -3.55
CA LEU A 70 0.37 9.28 -3.93
C LEU A 70 0.49 8.85 -5.40
N ASN A 71 1.72 8.73 -5.87
CA ASN A 71 2.12 8.22 -7.18
C ASN A 71 3.26 7.17 -7.03
N PRO A 72 2.91 5.90 -6.78
CA PRO A 72 3.75 4.75 -7.00
C PRO A 72 4.34 4.75 -8.40
N VAL A 73 5.52 4.19 -8.42
CA VAL A 73 6.31 3.92 -9.63
C VAL A 73 6.34 2.42 -9.95
N ARG A 74 5.77 1.62 -9.04
CA ARG A 74 5.23 0.27 -9.28
C ARG A 74 4.17 -0.09 -8.21
N VAL A 75 3.36 -1.14 -8.43
CA VAL A 75 2.56 -1.79 -7.38
C VAL A 75 2.70 -3.31 -7.48
N HIS A 76 2.57 -3.98 -6.33
CA HIS A 76 2.62 -5.43 -6.16
C HIS A 76 1.47 -5.88 -5.26
N ILE A 77 0.29 -5.64 -5.80
CA ILE A 77 -0.94 -6.27 -5.36
C ILE A 77 -0.80 -7.81 -5.47
N GLU A 78 -1.14 -8.55 -4.41
CA GLU A 78 -1.04 -10.01 -4.39
C GLU A 78 -2.09 -10.64 -3.46
N ILE A 79 -2.85 -11.60 -4.02
CA ILE A 79 -4.03 -12.22 -3.43
C ILE A 79 -4.30 -13.63 -4.01
N GLY A 80 -5.31 -14.28 -3.42
CA GLY A 80 -6.02 -15.47 -3.87
C GLY A 80 -6.29 -15.57 -5.39
N PRO A 81 -7.47 -15.08 -5.85
CA PRO A 81 -7.88 -15.11 -7.27
C PRO A 81 -7.21 -14.03 -8.14
N ASP A 82 -7.06 -12.81 -7.62
CA ASP A 82 -6.99 -11.55 -8.39
C ASP A 82 -6.88 -10.30 -7.48
N GLY A 83 -7.69 -10.24 -6.43
CA GLY A 83 -7.86 -9.06 -5.57
C GLY A 83 -8.99 -9.14 -4.55
N ARG A 84 -9.54 -10.32 -4.26
CA ARG A 84 -10.91 -10.41 -3.71
C ARG A 84 -10.98 -11.09 -2.33
N VAL A 85 -9.85 -11.14 -1.60
CA VAL A 85 -9.65 -11.90 -0.35
C VAL A 85 -8.80 -11.11 0.67
N THR A 86 -7.78 -11.72 1.28
CA THR A 86 -7.06 -11.30 2.49
C THR A 86 -6.08 -10.14 2.28
N GLY A 87 -5.42 -10.11 1.11
CA GLY A 87 -4.64 -8.96 0.67
C GLY A 87 -3.34 -8.75 1.40
N GLU A 88 -2.26 -9.18 0.77
CA GLU A 88 -0.97 -9.41 1.41
C GLU A 88 0.14 -8.99 0.43
N ALA A 89 0.29 -7.67 0.30
CA ALA A 89 0.80 -6.96 -0.89
C ALA A 89 1.82 -5.87 -0.53
N ASP A 90 2.37 -5.24 -1.57
CA ASP A 90 3.28 -4.11 -1.47
C ASP A 90 3.02 -3.08 -2.58
N VAL A 91 3.62 -1.91 -2.42
CA VAL A 91 3.59 -0.80 -3.38
C VAL A 91 4.83 0.02 -3.30
N GLU A 92 5.32 0.38 -4.47
CA GLU A 92 6.65 0.86 -4.68
C GLU A 92 6.60 2.29 -5.15
N PHE A 93 7.32 3.15 -4.44
CA PHE A 93 7.00 4.56 -4.45
C PHE A 93 8.19 5.45 -4.82
N ALA A 94 7.92 6.74 -5.04
CA ALA A 94 8.92 7.79 -5.08
C ALA A 94 9.39 8.21 -3.67
N THR A 95 9.87 7.24 -2.91
CA THR A 95 10.92 7.32 -1.89
C THR A 95 10.35 6.96 -0.53
N HIS A 96 11.22 6.89 0.48
CA HIS A 96 10.77 6.88 1.88
C HIS A 96 9.84 8.07 2.10
N GLU A 97 10.14 9.24 1.55
CA GLU A 97 9.30 10.42 1.60
C GLU A 97 7.91 10.27 0.92
N GLU A 98 7.75 9.51 -0.18
CA GLU A 98 6.42 9.19 -0.69
C GLU A 98 5.65 8.20 0.21
N ALA A 99 6.32 7.11 0.62
CA ALA A 99 5.75 6.06 1.44
C ALA A 99 5.49 6.44 2.91
N VAL A 100 6.27 7.36 3.45
CA VAL A 100 6.13 7.91 4.81
C VAL A 100 5.02 8.96 4.85
N ALA A 101 4.78 9.61 3.72
CA ALA A 101 3.54 10.36 3.56
C ALA A 101 2.33 9.40 3.47
N ALA A 102 2.54 8.16 2.99
CA ALA A 102 1.53 7.11 3.10
C ALA A 102 1.29 6.62 4.56
N MET A 103 2.35 6.61 5.38
CA MET A 103 2.37 6.21 6.82
C MET A 103 1.58 7.12 7.77
N SER A 104 0.92 8.13 7.25
CA SER A 104 0.45 9.29 8.02
C SER A 104 -0.91 9.07 8.70
N LYS A 105 -1.55 7.94 8.38
CA LYS A 105 -3.01 7.74 8.47
C LYS A 105 -3.50 6.29 8.49
N ASP A 106 -2.58 5.32 8.45
CA ASP A 106 -2.73 3.87 8.67
C ASP A 106 -4.10 3.17 8.43
N ARG A 107 -5.12 3.43 9.26
CA ARG A 107 -6.41 2.74 9.33
C ARG A 107 -7.30 2.72 8.08
N ALA A 108 -6.89 3.36 7.01
CA ALA A 108 -7.82 4.26 6.31
C ALA A 108 -8.35 3.73 4.95
N ASN A 109 -8.11 2.45 4.73
CA ASN A 109 -8.41 1.69 3.53
C ASN A 109 -9.80 1.05 3.54
N MET A 110 -10.13 0.44 4.68
CA MET A 110 -11.11 -0.65 4.77
C MET A 110 -11.80 -0.57 6.14
N GLN A 111 -13.10 -0.31 6.20
CA GLN A 111 -13.81 0.59 5.28
C GLN A 111 -13.77 1.99 5.95
N HIS A 112 -12.54 2.53 6.02
CA HIS A 112 -11.97 3.27 7.16
C HIS A 112 -12.17 2.52 8.50
N ARG A 113 -11.11 1.84 9.00
CA ARG A 113 -11.15 0.90 10.16
C ARG A 113 -9.84 0.16 10.50
N TYR A 114 -9.05 -0.34 9.52
CA TYR A 114 -7.58 -0.60 9.54
C TYR A 114 -6.98 -1.75 8.69
N ILE A 115 -5.71 -1.55 8.33
CA ILE A 115 -4.74 -2.41 7.63
C ILE A 115 -3.37 -2.27 8.30
N GLU A 116 -2.56 -3.32 8.30
CA GLU A 116 -1.14 -3.26 8.60
C GLU A 116 -0.33 -2.50 7.53
N LEU A 117 -0.36 -1.16 7.58
CA LEU A 117 0.43 -0.27 6.72
C LEU A 117 1.81 0.03 7.32
N PHE A 118 2.89 -0.44 6.69
CA PHE A 118 4.25 -0.34 7.24
C PHE A 118 5.37 -0.23 6.19
N LEU A 119 6.23 0.78 6.39
CA LEU A 119 7.53 0.89 5.71
C LEU A 119 8.45 -0.30 6.02
N ASN A 120 9.42 -0.44 5.13
CA ASN A 120 10.46 -1.47 5.18
C ASN A 120 11.75 -1.02 4.45
N SER A 121 11.81 0.26 4.03
CA SER A 121 12.73 0.72 2.96
C SER A 121 13.35 2.11 3.22
N THR A 122 14.17 2.58 2.27
CA THR A 122 14.94 3.84 2.31
C THR A 122 14.70 4.69 1.05
N THR A 123 14.97 5.99 1.10
CA THR A 123 14.94 6.93 -0.04
C THR A 123 16.12 6.72 -1.01
N GLY A 124 16.12 5.57 -1.70
CA GLY A 124 17.11 5.21 -2.73
C GLY A 124 16.55 4.29 -3.84
N ALA A 125 15.50 4.67 -4.59
CA ALA A 125 14.74 5.94 -4.56
C ALA A 125 13.25 5.67 -4.86
N THR A 45 11.96 0.67 -8.61
CA THR A 45 12.42 1.82 -7.80
C THR A 45 13.07 1.34 -6.51
N GLY A 46 13.55 2.26 -5.65
CA GLY A 46 14.16 1.95 -4.37
C GLY A 46 13.16 1.69 -3.25
N HIS A 47 12.24 2.64 -3.03
CA HIS A 47 11.28 2.51 -1.95
C HIS A 47 10.21 1.45 -2.22
N CYS A 48 9.81 0.71 -1.19
CA CYS A 48 8.52 0.02 -1.18
C CYS A 48 7.87 -0.06 0.21
N VAL A 49 6.57 -0.38 0.25
CA VAL A 49 5.76 -0.37 1.48
C VAL A 49 4.80 -1.55 1.49
N HIS A 50 4.66 -2.14 2.68
CA HIS A 50 3.94 -3.39 2.91
C HIS A 50 2.53 -3.11 3.44
N MET A 51 1.58 -4.00 3.09
CA MET A 51 0.16 -3.91 3.43
C MET A 51 -0.37 -5.30 3.75
N ARG A 52 -1.13 -5.45 4.84
CA ARG A 52 -1.92 -6.66 5.08
C ARG A 52 -3.30 -6.40 5.64
N GLY A 53 -4.26 -7.21 5.21
CA GLY A 53 -5.65 -7.20 5.67
C GLY A 53 -6.60 -6.60 4.64
N LEU A 54 -6.15 -6.41 3.38
CA LEU A 54 -6.94 -5.75 2.35
C LEU A 54 -8.28 -6.47 2.11
N PRO A 55 -9.36 -5.72 1.84
CA PRO A 55 -10.68 -6.29 1.65
C PRO A 55 -10.85 -6.90 0.25
N TYR A 56 -11.94 -7.65 0.07
CA TYR A 56 -12.43 -8.16 -1.23
C TYR A 56 -12.77 -7.09 -2.29
N LYS A 57 -12.71 -5.80 -1.93
CA LYS A 57 -12.83 -4.64 -2.84
C LYS A 57 -11.50 -3.98 -3.22
N ALA A 58 -10.35 -4.41 -2.66
CA ALA A 58 -9.03 -3.96 -3.06
C ALA A 58 -8.73 -4.20 -4.56
N THR A 59 -7.75 -3.44 -5.05
CA THR A 59 -7.00 -3.51 -6.31
C THR A 59 -5.74 -2.71 -6.11
N GLU A 60 -4.72 -2.87 -6.95
CA GLU A 60 -3.53 -2.04 -6.91
C GLU A 60 -3.82 -0.54 -6.84
N ASN A 61 -4.69 0.00 -7.70
CA ASN A 61 -4.98 1.41 -7.66
C ASN A 61 -5.82 1.82 -6.44
N ASP A 62 -6.68 0.91 -6.01
CA ASP A 62 -7.43 1.06 -4.78
C ASP A 62 -6.52 1.26 -3.57
N ILE A 63 -5.47 0.43 -3.47
CA ILE A 63 -4.64 0.40 -2.28
C ILE A 63 -3.74 1.61 -2.17
N TYR A 64 -3.18 2.07 -3.29
CA TYR A 64 -2.20 3.13 -3.19
C TYR A 64 -2.84 4.51 -3.12
N ASN A 65 -4.03 4.66 -3.72
CA ASN A 65 -4.77 5.92 -3.66
C ASN A 65 -5.45 6.14 -2.29
N PHE A 66 -5.65 5.08 -1.50
CA PHE A 66 -5.99 5.23 -0.08
C PHE A 66 -4.72 5.43 0.76
N PHE A 67 -3.62 4.73 0.45
CA PHE A 67 -2.34 4.94 1.12
C PHE A 67 -1.92 6.42 1.10
N SER A 68 -2.31 7.21 0.11
CA SER A 68 -2.74 8.64 0.11
C SER A 68 -2.93 9.07 -1.37
N PRO A 69 -3.09 10.37 -1.70
CA PRO A 69 -2.93 10.90 -3.07
C PRO A 69 -1.54 10.68 -3.75
N LEU A 70 -0.90 9.53 -3.54
CA LEU A 70 0.46 9.15 -3.93
C LEU A 70 0.56 8.58 -5.35
N ASN A 71 1.80 8.35 -5.79
CA ASN A 71 2.20 7.68 -7.03
C ASN A 71 3.33 6.65 -6.76
N PRO A 72 2.97 5.41 -6.39
CA PRO A 72 3.79 4.22 -6.61
C PRO A 72 4.04 4.12 -8.09
N VAL A 73 5.31 4.18 -8.39
CA VAL A 73 5.84 3.95 -9.72
C VAL A 73 5.83 2.46 -10.08
N ARG A 74 5.42 1.61 -9.14
CA ARG A 74 5.14 0.18 -9.29
C ARG A 74 4.16 -0.31 -8.19
N VAL A 75 3.34 -1.34 -8.46
CA VAL A 75 2.50 -2.02 -7.44
C VAL A 75 2.58 -3.54 -7.60
N HIS A 76 2.48 -4.24 -6.47
CA HIS A 76 2.39 -5.70 -6.35
C HIS A 76 1.26 -6.06 -5.37
N ILE A 77 0.06 -5.98 -5.93
CA ILE A 77 -1.18 -6.45 -5.34
C ILE A 77 -1.20 -7.99 -5.33
N GLU A 78 -1.58 -8.61 -4.22
CA GLU A 78 -1.48 -10.07 -4.03
C GLU A 78 -2.44 -10.66 -2.98
N ILE A 79 -3.14 -11.74 -3.37
CA ILE A 79 -3.98 -12.67 -2.58
C ILE A 79 -4.65 -13.74 -3.46
N GLY A 80 -5.54 -14.53 -2.84
CA GLY A 80 -6.40 -15.58 -3.38
C GLY A 80 -6.71 -15.54 -4.90
N PRO A 81 -7.71 -14.75 -5.34
CA PRO A 81 -8.07 -14.60 -6.75
C PRO A 81 -7.06 -13.73 -7.51
N ASP A 82 -7.00 -12.44 -7.16
CA ASP A 82 -6.17 -11.40 -7.77
C ASP A 82 -6.04 -10.16 -6.83
N GLY A 83 -6.12 -10.38 -5.51
CA GLY A 83 -5.98 -9.35 -4.45
C GLY A 83 -7.20 -9.12 -3.56
N ARG A 84 -8.22 -10.00 -3.61
CA ARG A 84 -9.57 -9.69 -3.17
C ARG A 84 -10.12 -10.66 -2.10
N VAL A 85 -9.36 -10.94 -1.03
CA VAL A 85 -9.81 -11.76 0.12
C VAL A 85 -9.41 -11.15 1.45
N THR A 86 -8.10 -11.04 1.62
CA THR A 86 -7.40 -10.70 2.87
C THR A 86 -6.09 -9.93 2.61
N GLY A 87 -5.92 -9.44 1.38
CA GLY A 87 -4.73 -8.94 0.68
C GLY A 87 -3.49 -8.59 1.47
N GLU A 88 -2.36 -9.05 0.94
CA GLU A 88 -1.07 -9.18 1.61
C GLU A 88 0.02 -8.82 0.60
N ALA A 89 0.19 -7.51 0.39
CA ALA A 89 0.65 -6.90 -0.84
C ALA A 89 1.70 -5.81 -0.55
N ASP A 90 2.39 -5.36 -1.60
CA ASP A 90 3.44 -4.35 -1.51
C ASP A 90 3.45 -3.42 -2.73
N VAL A 91 4.04 -2.24 -2.54
CA VAL A 91 3.89 -1.09 -3.46
C VAL A 91 5.15 -0.25 -3.42
N GLU A 92 5.50 0.38 -4.53
CA GLU A 92 6.85 0.85 -4.80
C GLU A 92 6.87 2.32 -5.17
N PHE A 93 7.42 3.18 -4.32
CA PHE A 93 7.11 4.61 -4.30
C PHE A 93 8.28 5.53 -4.63
N ALA A 94 7.97 6.79 -4.92
CA ALA A 94 8.91 7.90 -4.95
C ALA A 94 9.33 8.38 -3.55
N THR A 95 9.87 7.48 -2.75
CA THR A 95 10.93 7.65 -1.77
C THR A 95 10.42 7.31 -0.38
N HIS A 96 11.32 7.35 0.62
CA HIS A 96 10.90 7.35 2.01
C HIS A 96 9.84 8.42 2.22
N GLU A 97 10.00 9.59 1.64
CA GLU A 97 9.08 10.72 1.71
C GLU A 97 7.71 10.48 1.04
N GLU A 98 7.61 9.74 -0.07
CA GLU A 98 6.30 9.29 -0.58
C GLU A 98 5.63 8.27 0.34
N ALA A 99 6.41 7.29 0.80
CA ALA A 99 5.95 6.16 1.60
C ALA A 99 5.65 6.47 3.07
N VAL A 100 6.36 7.45 3.63
CA VAL A 100 6.21 7.96 4.99
C VAL A 100 5.03 8.90 5.08
N ALA A 101 4.75 9.62 3.98
CA ALA A 101 3.46 10.26 3.83
C ALA A 101 2.34 9.20 3.72
N ALA A 102 2.64 8.04 3.14
CA ALA A 102 1.69 6.93 3.09
C ALA A 102 1.32 6.34 4.47
N MET A 103 2.26 6.35 5.42
CA MET A 103 2.05 5.93 6.82
C MET A 103 0.92 6.69 7.55
N SER A 104 0.71 7.94 7.15
CA SER A 104 0.10 9.01 7.94
C SER A 104 -1.41 8.92 8.27
N LYS A 105 -2.07 7.82 7.89
CA LYS A 105 -3.51 7.54 8.12
C LYS A 105 -3.86 6.19 8.72
N ASP A 106 -3.03 5.17 8.46
CA ASP A 106 -3.21 3.72 8.59
C ASP A 106 -4.61 3.06 8.44
N ARG A 107 -5.62 3.47 9.21
CA ARG A 107 -6.93 2.80 9.40
C ARG A 107 -7.96 2.89 8.27
N ALA A 108 -7.58 3.25 7.06
CA ALA A 108 -8.41 4.25 6.37
C ALA A 108 -9.09 3.81 5.07
N ASN A 109 -9.21 2.50 4.87
CA ASN A 109 -9.58 1.90 3.62
C ASN A 109 -10.87 1.11 3.75
N MET A 110 -10.84 0.13 4.65
CA MET A 110 -11.67 -1.06 4.50
C MET A 110 -12.97 -0.96 5.26
N GLN A 111 -13.84 -0.08 4.76
CA GLN A 111 -15.11 0.36 5.38
C GLN A 111 -14.86 1.38 6.52
N HIS A 112 -13.79 2.18 6.40
CA HIS A 112 -13.09 2.95 7.45
C HIS A 112 -12.84 2.13 8.73
N ARG A 113 -11.61 1.64 8.86
CA ARG A 113 -11.16 0.29 9.30
C ARG A 113 -9.94 -0.13 8.44
N TYR A 114 -9.11 -1.02 8.95
CA TYR A 114 -7.67 -0.83 9.02
C TYR A 114 -6.91 -1.92 8.27
N ILE A 115 -5.70 -1.52 7.89
CA ILE A 115 -4.74 -2.28 7.12
C ILE A 115 -3.37 -2.08 7.77
N GLU A 116 -2.57 -3.14 7.79
CA GLU A 116 -1.18 -3.12 8.23
C GLU A 116 -0.28 -2.37 7.23
N LEU A 117 -0.37 -1.04 7.24
CA LEU A 117 0.48 -0.14 6.47
C LEU A 117 1.83 0.11 7.15
N PHE A 118 2.91 -0.39 6.55
CA PHE A 118 4.25 -0.30 7.15
C PHE A 118 5.41 -0.15 6.15
N LEU A 119 6.26 0.84 6.42
CA LEU A 119 7.58 0.99 5.79
C LEU A 119 8.51 -0.17 6.08
N ASN A 120 9.44 -0.35 5.16
CA ASN A 120 10.48 -1.39 5.20
C ASN A 120 11.76 -0.95 4.46
N SER A 121 11.83 0.32 4.04
CA SER A 121 12.69 0.76 2.91
C SER A 121 13.47 2.07 3.20
N THR A 122 14.25 2.53 2.22
CA THR A 122 15.04 3.79 2.23
C THR A 122 14.92 4.50 0.87
N THR A 123 15.08 5.83 0.81
CA THR A 123 15.17 6.58 -0.46
C THR A 123 16.30 6.05 -1.35
N GLY A 124 16.00 5.71 -2.60
CA GLY A 124 16.90 5.03 -3.53
C GLY A 124 16.49 4.83 -5.00
N ALA A 125 15.47 5.46 -5.61
CA ALA A 125 14.43 6.34 -5.10
C ALA A 125 13.32 5.53 -4.39
N THR A 45 13.12 2.49 -8.55
CA THR A 45 11.71 2.86 -8.23
C THR A 45 11.57 3.90 -7.11
N GLY A 46 12.06 3.76 -5.88
CA GLY A 46 13.02 2.79 -5.32
C GLY A 46 12.79 2.44 -3.84
N HIS A 47 11.75 3.03 -3.24
CA HIS A 47 11.21 2.58 -1.97
C HIS A 47 10.19 1.45 -2.19
N CYS A 48 9.85 0.64 -1.19
CA CYS A 48 8.56 -0.05 -1.17
C CYS A 48 7.91 -0.16 0.21
N VAL A 49 6.59 -0.42 0.24
CA VAL A 49 5.79 -0.44 1.49
C VAL A 49 4.91 -1.67 1.52
N HIS A 50 4.81 -2.26 2.70
CA HIS A 50 4.10 -3.51 2.93
C HIS A 50 2.70 -3.24 3.52
N MET A 51 1.72 -4.08 3.15
CA MET A 51 0.31 -3.97 3.50
C MET A 51 -0.26 -5.35 3.81
N ARG A 52 -1.00 -5.48 4.91
CA ARG A 52 -1.79 -6.71 5.19
C ARG A 52 -3.13 -6.42 5.87
N GLY A 53 -4.11 -7.26 5.58
CA GLY A 53 -5.47 -7.17 6.14
C GLY A 53 -6.42 -6.38 5.24
N LEU A 54 -6.01 -6.12 3.99
CA LEU A 54 -6.79 -5.40 2.98
C LEU A 54 -8.18 -6.02 2.75
N PRO A 55 -9.17 -5.21 2.31
CA PRO A 55 -10.51 -5.71 2.02
C PRO A 55 -10.50 -6.69 0.85
N TYR A 56 -11.50 -7.57 0.76
CA TYR A 56 -11.66 -8.53 -0.35
C TYR A 56 -11.97 -7.87 -1.71
N LYS A 57 -12.03 -6.54 -1.80
CA LYS A 57 -12.12 -5.75 -3.04
C LYS A 57 -10.85 -4.96 -3.36
N ALA A 58 -9.74 -5.16 -2.63
CA ALA A 58 -8.46 -4.52 -2.91
C ALA A 58 -8.01 -4.77 -4.37
N THR A 59 -7.42 -3.74 -4.95
CA THR A 59 -6.73 -3.65 -6.24
C THR A 59 -5.53 -2.76 -6.08
N GLU A 60 -4.55 -2.86 -6.97
CA GLU A 60 -3.39 -1.97 -6.94
C GLU A 60 -3.76 -0.49 -6.86
N ASN A 61 -4.60 0.02 -7.74
CA ASN A 61 -4.97 1.43 -7.68
C ASN A 61 -5.82 1.77 -6.47
N ASP A 62 -6.65 0.81 -6.07
CA ASP A 62 -7.49 0.91 -4.89
C ASP A 62 -6.65 1.15 -3.62
N ILE A 63 -5.54 0.42 -3.48
CA ILE A 63 -4.70 0.49 -2.29
C ILE A 63 -3.89 1.77 -2.23
N TYR A 64 -3.26 2.17 -3.34
CA TYR A 64 -2.32 3.28 -3.24
C TYR A 64 -3.03 4.64 -3.26
N ASN A 65 -4.22 4.70 -3.85
CA ASN A 65 -5.06 5.89 -3.78
C ASN A 65 -5.82 6.00 -2.44
N PHE A 66 -5.99 4.89 -1.69
CA PHE A 66 -6.41 5.03 -0.29
C PHE A 66 -5.24 5.60 0.51
N PHE A 67 -4.04 4.98 0.37
CA PHE A 67 -2.84 5.31 1.16
C PHE A 67 -2.77 6.83 1.30
N SER A 68 -2.56 7.52 0.18
CA SER A 68 -2.78 8.98 0.02
C SER A 68 -2.87 9.36 -1.46
N PRO A 69 -2.90 10.66 -1.83
CA PRO A 69 -2.69 11.15 -3.21
C PRO A 69 -1.34 10.80 -3.89
N LEU A 70 -0.75 9.65 -3.58
CA LEU A 70 0.60 9.21 -3.95
C LEU A 70 0.70 8.64 -5.38
N ASN A 71 1.93 8.41 -5.82
CA ASN A 71 2.31 7.72 -7.06
C ASN A 71 3.42 6.66 -6.77
N PRO A 72 3.03 5.44 -6.36
CA PRO A 72 3.81 4.22 -6.54
C PRO A 72 4.05 4.09 -8.03
N VAL A 73 5.32 4.26 -8.36
CA VAL A 73 5.85 4.04 -9.71
C VAL A 73 5.80 2.56 -10.09
N ARG A 74 5.51 1.68 -9.12
CA ARG A 74 5.10 0.29 -9.31
C ARG A 74 4.14 -0.17 -8.19
N VAL A 75 3.28 -1.15 -8.45
CA VAL A 75 2.50 -1.86 -7.41
C VAL A 75 2.61 -3.37 -7.62
N HIS A 76 2.54 -4.11 -6.52
CA HIS A 76 2.57 -5.56 -6.41
C HIS A 76 1.47 -6.01 -5.45
N ILE A 77 0.27 -5.73 -5.91
CA ILE A 77 -0.99 -6.27 -5.40
C ILE A 77 -0.95 -7.81 -5.44
N GLU A 78 -1.36 -8.48 -4.37
CA GLU A 78 -1.24 -9.95 -4.25
C GLU A 78 -2.19 -10.55 -3.22
N ILE A 79 -2.91 -11.60 -3.64
CA ILE A 79 -3.68 -12.57 -2.84
C ILE A 79 -4.34 -13.64 -3.74
N GLY A 80 -5.15 -14.50 -3.12
CA GLY A 80 -5.91 -15.63 -3.66
C GLY A 80 -6.13 -15.65 -5.19
N PRO A 81 -7.10 -14.86 -5.69
CA PRO A 81 -7.49 -14.85 -7.11
C PRO A 81 -6.68 -13.89 -8.02
N ASP A 82 -6.23 -12.75 -7.46
CA ASP A 82 -5.87 -11.47 -8.13
C ASP A 82 -5.68 -10.27 -7.15
N GLY A 83 -5.93 -10.45 -5.83
CA GLY A 83 -5.93 -9.37 -4.81
C GLY A 83 -7.17 -9.27 -3.92
N ARG A 84 -8.11 -10.23 -4.01
CA ARG A 84 -9.52 -10.01 -3.65
C ARG A 84 -10.01 -10.91 -2.50
N VAL A 85 -9.20 -11.09 -1.44
CA VAL A 85 -9.58 -11.91 -0.25
C VAL A 85 -9.23 -11.22 1.06
N THR A 86 -7.93 -11.07 1.27
CA THR A 86 -7.30 -10.64 2.53
C THR A 86 -6.12 -9.66 2.30
N GLY A 87 -5.85 -9.37 1.02
CA GLY A 87 -4.75 -8.62 0.39
C GLY A 87 -3.50 -8.35 1.23
N GLU A 88 -2.40 -8.98 0.83
CA GLU A 88 -1.18 -9.10 1.64
C GLU A 88 0.02 -8.88 0.71
N ALA A 89 0.26 -7.61 0.42
CA ALA A 89 0.81 -7.08 -0.82
C ALA A 89 1.76 -5.88 -0.59
N ASP A 90 2.40 -5.38 -1.65
CA ASP A 90 3.41 -4.34 -1.55
C ASP A 90 3.33 -3.36 -2.73
N VAL A 91 3.93 -2.19 -2.55
CA VAL A 91 3.80 -1.01 -3.41
C VAL A 91 5.09 -0.22 -3.39
N GLU A 92 5.43 0.44 -4.50
CA GLU A 92 6.80 0.84 -4.79
C GLU A 92 6.87 2.29 -5.24
N PHE A 93 7.48 3.12 -4.39
CA PHE A 93 7.23 4.55 -4.36
C PHE A 93 8.46 5.39 -4.67
N ALA A 94 8.22 6.67 -4.97
CA ALA A 94 9.20 7.75 -4.94
C ALA A 94 9.56 8.20 -3.51
N THR A 95 10.02 7.27 -2.69
CA THR A 95 11.04 7.38 -1.65
C THR A 95 10.46 7.07 -0.28
N HIS A 96 11.32 6.96 0.74
CA HIS A 96 10.90 6.97 2.13
C HIS A 96 9.93 8.13 2.39
N GLU A 97 10.14 9.30 1.79
CA GLU A 97 9.28 10.47 1.84
C GLU A 97 7.93 10.33 1.11
N GLU A 98 7.82 9.64 -0.04
CA GLU A 98 6.51 9.26 -0.60
C GLU A 98 5.76 8.28 0.30
N ALA A 99 6.49 7.28 0.81
CA ALA A 99 5.96 6.16 1.57
C ALA A 99 5.63 6.48 3.03
N VAL A 100 6.36 7.41 3.63
CA VAL A 100 6.13 7.94 4.98
C VAL A 100 4.97 8.91 4.98
N ALA A 101 4.74 9.58 3.85
CA ALA A 101 3.49 10.30 3.66
C ALA A 101 2.31 9.31 3.52
N ALA A 102 2.58 8.07 3.09
CA ALA A 102 1.65 6.94 3.15
C ALA A 102 1.48 6.33 4.56
N MET A 103 2.48 6.44 5.46
CA MET A 103 2.39 5.98 6.86
C MET A 103 1.36 6.76 7.67
N SER A 104 1.33 8.07 7.43
CA SER A 104 0.88 9.13 8.34
C SER A 104 -0.63 9.18 8.70
N LYS A 105 -1.38 8.12 8.33
CA LYS A 105 -2.83 7.92 8.54
C LYS A 105 -3.22 6.54 9.10
N ASP A 106 -2.44 5.50 8.84
CA ASP A 106 -2.70 4.04 8.86
C ASP A 106 -4.12 3.45 8.76
N ARG A 107 -5.05 3.89 9.60
CA ARG A 107 -6.42 3.42 9.83
C ARG A 107 -7.46 3.49 8.67
N ALA A 108 -7.04 3.65 7.42
CA ALA A 108 -7.71 4.66 6.57
C ALA A 108 -8.36 4.20 5.26
N ASN A 109 -8.59 2.90 5.14
CA ASN A 109 -9.00 2.26 3.90
C ASN A 109 -10.40 1.65 4.03
N MET A 110 -10.50 0.65 4.89
CA MET A 110 -11.40 -0.48 4.58
C MET A 110 -12.84 -0.26 5.04
N GLN A 111 -13.56 0.47 4.18
CA GLN A 111 -14.82 1.15 4.48
C GLN A 111 -14.59 2.21 5.58
N HIS A 112 -13.46 2.94 5.47
CA HIS A 112 -12.81 3.80 6.47
C HIS A 112 -12.43 3.06 7.78
N ARG A 113 -11.27 2.37 7.76
CA ARG A 113 -10.83 1.33 8.72
C ARG A 113 -9.41 0.83 8.42
N TYR A 114 -8.82 0.15 9.38
CA TYR A 114 -7.37 -0.02 9.51
C TYR A 114 -6.81 -1.23 8.79
N ILE A 115 -5.56 -1.04 8.40
CA ILE A 115 -4.71 -1.92 7.62
C ILE A 115 -3.30 -1.80 8.17
N GLU A 116 -2.55 -2.90 8.11
CA GLU A 116 -1.13 -2.94 8.47
C GLU A 116 -0.27 -2.26 7.40
N LEU A 117 -0.30 -0.92 7.37
CA LEU A 117 0.58 -0.09 6.57
C LEU A 117 1.97 0.12 7.22
N PHE A 118 3.04 -0.37 6.59
CA PHE A 118 4.40 -0.34 7.16
C PHE A 118 5.53 -0.20 6.13
N LEU A 119 6.39 0.81 6.37
CA LEU A 119 7.68 0.97 5.70
C LEU A 119 8.62 -0.19 5.98
N ASN A 120 9.58 -0.31 5.09
CA ASN A 120 10.70 -1.24 5.19
C ASN A 120 11.97 -0.73 4.48
N SER A 121 11.97 0.51 3.97
CA SER A 121 12.84 0.88 2.83
C SER A 121 13.55 2.24 2.91
N THR A 122 14.52 2.44 1.99
CA THR A 122 15.34 3.65 1.80
C THR A 122 14.62 4.81 1.12
N THR A 123 15.13 6.04 1.24
CA THR A 123 14.89 7.14 0.28
C THR A 123 15.70 6.92 -1.01
N GLY A 124 15.32 5.84 -1.71
CA GLY A 124 15.81 5.42 -3.02
C GLY A 124 14.78 5.67 -4.12
N ALA A 125 15.25 5.75 -5.36
CA ALA A 125 14.46 6.11 -6.55
C ALA A 125 14.68 5.15 -7.75
N THR A 45 9.94 2.85 -6.61
CA THR A 45 10.56 1.57 -7.06
C THR A 45 11.60 1.10 -6.07
N GLY A 46 12.63 1.89 -5.78
CA GLY A 46 13.63 1.58 -4.76
C GLY A 46 13.03 1.47 -3.36
N HIS A 47 12.10 2.37 -3.03
CA HIS A 47 11.20 2.15 -1.91
C HIS A 47 10.11 1.14 -2.26
N CYS A 48 9.71 0.34 -1.26
CA CYS A 48 8.37 -0.25 -1.21
C CYS A 48 7.76 -0.26 0.20
N VAL A 49 6.44 -0.47 0.29
CA VAL A 49 5.69 -0.41 1.56
C VAL A 49 4.71 -1.55 1.66
N HIS A 50 4.65 -2.21 2.81
CA HIS A 50 3.94 -3.48 2.88
C HIS A 50 2.52 -3.21 3.38
N MET A 51 1.60 -4.08 2.97
CA MET A 51 0.18 -4.03 3.29
C MET A 51 -0.31 -5.41 3.66
N ARG A 52 -0.96 -5.49 4.83
CA ARG A 52 -1.59 -6.73 5.29
C ARG A 52 -2.92 -6.45 5.98
N GLY A 53 -3.95 -7.19 5.56
CA GLY A 53 -5.32 -7.08 6.09
C GLY A 53 -6.31 -6.51 5.08
N LEU A 54 -5.91 -6.33 3.82
CA LEU A 54 -6.74 -5.70 2.78
C LEU A 54 -8.12 -6.37 2.66
N PRO A 55 -9.17 -5.61 2.34
CA PRO A 55 -10.50 -6.19 2.13
C PRO A 55 -10.58 -6.89 0.76
N TYR A 56 -11.53 -7.79 0.57
CA TYR A 56 -11.75 -8.52 -0.70
C TYR A 56 -11.99 -7.63 -1.95
N LYS A 57 -12.34 -6.34 -1.75
CA LYS A 57 -12.44 -5.29 -2.79
C LYS A 57 -11.08 -4.68 -3.23
N ALA A 58 -9.95 -5.08 -2.65
CA ALA A 58 -8.60 -4.73 -3.04
C ALA A 58 -8.31 -4.77 -4.56
N THR A 59 -7.38 -3.90 -4.96
CA THR A 59 -6.69 -3.77 -6.25
C THR A 59 -5.47 -2.91 -6.05
N GLU A 60 -4.55 -2.87 -7.01
CA GLU A 60 -3.39 -1.99 -6.93
C GLU A 60 -3.77 -0.52 -6.85
N ASN A 61 -4.63 -0.05 -7.74
CA ASN A 61 -5.03 1.34 -7.72
C ASN A 61 -5.89 1.65 -6.51
N ASP A 62 -6.70 0.67 -6.10
CA ASP A 62 -7.48 0.71 -4.88
C ASP A 62 -6.61 1.03 -3.66
N ILE A 63 -5.49 0.32 -3.50
CA ILE A 63 -4.66 0.47 -2.31
C ILE A 63 -3.93 1.81 -2.29
N TYR A 64 -3.34 2.21 -3.41
CA TYR A 64 -2.46 3.36 -3.34
C TYR A 64 -3.22 4.67 -3.42
N ASN A 65 -4.39 4.66 -4.04
CA ASN A 65 -5.30 5.81 -4.01
C ASN A 65 -6.06 5.93 -2.68
N PHE A 66 -6.15 4.86 -1.86
CA PHE A 66 -6.61 5.02 -0.48
C PHE A 66 -5.49 5.66 0.32
N PHE A 67 -4.24 5.15 0.21
CA PHE A 67 -3.10 5.49 1.07
C PHE A 67 -3.12 7.01 1.31
N SER A 68 -2.75 7.74 0.26
CA SER A 68 -2.81 9.20 0.13
C SER A 68 -2.81 9.58 -1.36
N PRO A 69 -2.78 10.87 -1.78
CA PRO A 69 -2.68 11.27 -3.19
C PRO A 69 -1.27 11.07 -3.81
N LEU A 70 -0.64 9.94 -3.47
CA LEU A 70 0.71 9.48 -3.84
C LEU A 70 0.81 8.95 -5.27
N ASN A 71 2.05 8.70 -5.70
CA ASN A 71 2.44 8.06 -6.95
C ASN A 71 3.48 6.95 -6.67
N PRO A 72 3.03 5.73 -6.29
CA PRO A 72 3.77 4.51 -6.47
C PRO A 72 3.94 4.28 -7.96
N VAL A 73 5.19 4.38 -8.35
CA VAL A 73 5.66 4.18 -9.72
C VAL A 73 5.55 2.72 -10.15
N ARG A 74 5.22 1.84 -9.20
CA ARG A 74 4.96 0.42 -9.37
C ARG A 74 4.03 -0.10 -8.24
N VAL A 75 3.36 -1.25 -8.41
CA VAL A 75 2.57 -1.90 -7.33
C VAL A 75 2.64 -3.42 -7.45
N HIS A 76 2.56 -4.12 -6.31
CA HIS A 76 2.62 -5.57 -6.15
C HIS A 76 1.49 -6.04 -5.24
N ILE A 77 0.30 -6.08 -5.84
CA ILE A 77 -1.01 -6.35 -5.24
C ILE A 77 -1.27 -7.83 -4.90
N GLU A 78 -0.26 -8.41 -4.28
CA GLU A 78 -0.17 -9.83 -3.95
C GLU A 78 -1.23 -10.25 -2.91
N ILE A 79 -1.96 -11.32 -3.22
CA ILE A 79 -3.18 -11.77 -2.53
C ILE A 79 -3.31 -13.31 -2.62
N GLY A 80 -4.21 -13.85 -1.79
CA GLY A 80 -4.74 -15.21 -1.74
C GLY A 80 -4.80 -15.98 -3.08
N PRO A 81 -5.92 -15.91 -3.82
CA PRO A 81 -6.11 -16.65 -5.08
C PRO A 81 -5.73 -15.87 -6.36
N ASP A 82 -5.98 -14.56 -6.39
CA ASP A 82 -6.05 -13.73 -7.62
C ASP A 82 -6.20 -12.21 -7.37
N GLY A 83 -6.72 -11.81 -6.19
CA GLY A 83 -6.96 -10.41 -5.81
C GLY A 83 -8.26 -10.16 -5.06
N ARG A 84 -8.76 -11.12 -4.25
CA ARG A 84 -10.15 -11.08 -3.76
C ARG A 84 -10.29 -11.39 -2.26
N VAL A 85 -9.20 -11.25 -1.49
CA VAL A 85 -9.01 -11.81 -0.12
C VAL A 85 -8.25 -10.80 0.77
N THR A 86 -7.77 -11.23 1.94
CA THR A 86 -7.08 -10.55 3.06
C THR A 86 -5.85 -9.65 2.75
N GLY A 87 -5.56 -9.43 1.47
CA GLY A 87 -4.38 -8.89 0.79
C GLY A 87 -3.09 -8.49 1.52
N GLU A 88 -1.99 -8.78 0.84
CA GLU A 88 -0.78 -9.36 1.41
C GLU A 88 0.45 -8.82 0.63
N ALA A 89 0.44 -7.52 0.36
CA ALA A 89 0.97 -6.85 -0.82
C ALA A 89 2.08 -5.85 -0.50
N ASP A 90 2.73 -5.31 -1.54
CA ASP A 90 3.66 -4.19 -1.44
C ASP A 90 3.43 -3.19 -2.58
N VAL A 91 3.96 -1.98 -2.40
CA VAL A 91 3.72 -0.83 -3.28
C VAL A 91 4.95 0.03 -3.34
N GLU A 92 5.31 0.45 -4.54
CA GLU A 92 6.67 0.81 -4.88
C GLU A 92 6.77 2.30 -5.20
N PHE A 93 7.28 3.06 -4.24
CA PHE A 93 7.12 4.51 -4.19
C PHE A 93 8.38 5.29 -4.51
N ALA A 94 8.21 6.59 -4.77
CA ALA A 94 9.25 7.60 -4.82
C ALA A 94 9.74 8.02 -3.41
N THR A 95 10.18 7.05 -2.63
CA THR A 95 11.20 7.11 -1.59
C THR A 95 10.58 6.80 -0.24
N HIS A 96 11.41 6.66 0.80
CA HIS A 96 10.93 6.68 2.19
C HIS A 96 10.02 7.88 2.41
N GLU A 97 10.32 9.03 1.85
CA GLU A 97 9.53 10.25 1.93
C GLU A 97 8.17 10.19 1.18
N GLU A 98 8.04 9.49 0.04
CA GLU A 98 6.71 9.19 -0.53
C GLU A 98 5.92 8.21 0.35
N ALA A 99 6.61 7.16 0.78
CA ALA A 99 6.05 6.04 1.53
C ALA A 99 5.69 6.35 2.99
N VAL A 100 6.39 7.28 3.61
CA VAL A 100 6.18 7.78 4.96
C VAL A 100 5.06 8.82 4.96
N ALA A 101 4.91 9.51 3.84
CA ALA A 101 3.68 10.26 3.62
C ALA A 101 2.50 9.29 3.46
N ALA A 102 2.72 8.06 2.96
CA ALA A 102 1.79 6.94 3.03
C ALA A 102 1.62 6.32 4.44
N MET A 103 2.59 6.49 5.35
CA MET A 103 2.47 6.07 6.76
C MET A 103 1.55 6.97 7.59
N SER A 104 1.53 8.27 7.27
CA SER A 104 0.89 9.40 7.97
C SER A 104 -0.66 9.37 8.15
N LYS A 105 -1.29 8.20 8.03
CA LYS A 105 -2.73 7.89 8.26
C LYS A 105 -3.00 6.56 8.97
N ASP A 106 -2.05 5.62 8.87
CA ASP A 106 -2.07 4.16 8.96
C ASP A 106 -3.36 3.31 8.86
N ARG A 107 -4.59 3.85 8.88
CA ARG A 107 -5.85 3.09 8.82
C ARG A 107 -5.92 2.39 7.46
N ALA A 108 -6.11 3.08 6.35
CA ALA A 108 -7.23 4.00 6.07
C ALA A 108 -8.08 3.57 4.87
N ASN A 109 -7.91 2.32 4.48
CA ASN A 109 -8.57 1.66 3.37
C ASN A 109 -10.07 1.42 3.60
N MET A 110 -10.34 0.60 4.62
CA MET A 110 -11.34 -0.47 4.41
C MET A 110 -12.68 -0.06 5.00
N GLN A 111 -13.45 0.65 4.17
CA GLN A 111 -14.67 1.38 4.57
C GLN A 111 -14.32 2.48 5.60
N HIS A 112 -13.11 3.06 5.47
CA HIS A 112 -12.29 3.70 6.50
C HIS A 112 -12.21 2.90 7.82
N ARG A 113 -11.04 2.27 8.04
CA ARG A 113 -10.64 1.17 8.95
C ARG A 113 -9.44 0.48 8.30
N TYR A 114 -8.93 -0.62 8.85
CA TYR A 114 -7.52 -0.68 9.20
C TYR A 114 -6.78 -1.90 8.66
N ILE A 115 -5.59 -1.56 8.15
CA ILE A 115 -4.62 -2.38 7.44
C ILE A 115 -3.26 -2.11 8.11
N GLU A 116 -2.39 -3.10 8.19
CA GLU A 116 -0.96 -2.86 8.42
C GLU A 116 -0.43 -2.00 7.28
N LEU A 117 -0.20 -0.71 7.53
CA LEU A 117 0.52 0.18 6.66
C LEU A 117 1.90 0.48 7.26
N PHE A 118 2.95 0.00 6.58
CA PHE A 118 4.27 -0.16 7.20
C PHE A 118 5.44 -0.27 6.25
N LEU A 119 6.47 0.51 6.56
CA LEU A 119 7.70 0.63 5.77
C LEU A 119 8.57 -0.59 5.95
N ASN A 120 9.39 -0.79 4.93
CA ASN A 120 10.35 -1.88 4.84
C ASN A 120 11.62 -1.47 4.09
N SER A 121 11.76 -0.17 3.79
CA SER A 121 12.65 0.31 2.71
C SER A 121 13.42 1.60 3.02
N THR A 122 14.24 2.04 2.05
CA THR A 122 15.17 3.19 2.12
C THR A 122 14.84 4.24 1.05
N THR A 123 15.46 5.41 1.08
CA THR A 123 15.29 6.52 0.11
C THR A 123 15.78 6.20 -1.31
N GLY A 124 15.05 5.35 -2.03
CA GLY A 124 15.21 5.09 -3.46
C GLY A 124 13.92 5.34 -4.23
N ALA A 125 14.02 5.95 -5.42
CA ALA A 125 12.87 6.43 -6.18
C ALA A 125 12.08 5.31 -6.89
N THR A 45 12.31 3.19 -9.47
CA THR A 45 11.59 2.26 -8.56
C THR A 45 12.51 1.83 -7.44
N GLY A 46 12.44 2.50 -6.28
CA GLY A 46 13.49 2.44 -5.24
C GLY A 46 13.06 2.54 -3.79
N HIS A 47 11.76 2.65 -3.52
CA HIS A 47 11.16 2.44 -2.20
C HIS A 47 10.11 1.34 -2.30
N CYS A 48 9.72 0.68 -1.20
CA CYS A 48 8.44 -0.01 -1.14
C CYS A 48 7.80 -0.11 0.26
N VAL A 49 6.50 -0.43 0.32
CA VAL A 49 5.68 -0.40 1.55
C VAL A 49 4.74 -1.59 1.60
N HIS A 50 4.67 -2.22 2.76
CA HIS A 50 3.95 -3.46 3.00
C HIS A 50 2.54 -3.20 3.54
N MET A 51 1.61 -4.11 3.21
CA MET A 51 0.20 -4.00 3.51
C MET A 51 -0.39 -5.38 3.83
N ARG A 52 -1.00 -5.51 5.00
CA ARG A 52 -1.78 -6.72 5.37
C ARG A 52 -3.08 -6.37 6.05
N GLY A 53 -4.15 -7.06 5.63
CA GLY A 53 -5.51 -6.81 6.07
C GLY A 53 -6.38 -6.20 4.96
N LEU A 54 -5.85 -6.06 3.72
CA LEU A 54 -6.62 -5.48 2.62
C LEU A 54 -7.95 -6.23 2.42
N PRO A 55 -9.07 -5.53 2.16
CA PRO A 55 -10.36 -6.19 1.95
C PRO A 55 -10.48 -6.81 0.54
N TYR A 56 -11.55 -7.55 0.28
CA TYR A 56 -11.84 -8.22 -1.01
C TYR A 56 -11.85 -7.31 -2.25
N LYS A 57 -12.12 -6.00 -2.11
CA LYS A 57 -11.99 -5.01 -3.20
C LYS A 57 -10.54 -4.83 -3.73
N ALA A 58 -9.53 -5.17 -2.92
CA ALA A 58 -8.10 -4.87 -3.12
C ALA A 58 -7.61 -4.93 -4.58
N THR A 59 -7.55 -3.76 -5.22
CA THR A 59 -6.83 -3.50 -6.47
C THR A 59 -5.59 -2.68 -6.22
N GLU A 60 -4.67 -2.65 -7.16
CA GLU A 60 -3.48 -1.82 -7.05
C GLU A 60 -3.83 -0.34 -6.89
N ASN A 61 -4.68 0.18 -7.76
CA ASN A 61 -5.06 1.58 -7.66
C ASN A 61 -5.91 1.85 -6.42
N ASP A 62 -6.72 0.88 -6.03
CA ASP A 62 -7.51 0.91 -4.81
C ASP A 62 -6.62 1.16 -3.58
N ILE A 63 -5.52 0.42 -3.47
CA ILE A 63 -4.65 0.51 -2.29
C ILE A 63 -3.84 1.80 -2.25
N TYR A 64 -3.24 2.21 -3.37
CA TYR A 64 -2.30 3.32 -3.29
C TYR A 64 -3.00 4.67 -3.28
N ASN A 65 -4.20 4.73 -3.86
CA ASN A 65 -5.03 5.93 -3.77
C ASN A 65 -5.76 6.06 -2.42
N PHE A 66 -5.95 4.96 -1.68
CA PHE A 66 -6.34 5.08 -0.27
C PHE A 66 -5.15 5.61 0.51
N PHE A 67 -3.95 5.01 0.35
CA PHE A 67 -2.73 5.33 1.10
C PHE A 67 -2.65 6.85 1.20
N SER A 68 -2.49 7.52 0.07
CA SER A 68 -2.71 8.97 -0.09
C SER A 68 -2.80 9.37 -1.59
N PRO A 69 -2.86 10.67 -1.94
CA PRO A 69 -2.64 11.18 -3.31
C PRO A 69 -1.27 10.86 -3.98
N LEU A 70 -0.66 9.72 -3.66
CA LEU A 70 0.68 9.28 -4.01
C LEU A 70 0.81 8.76 -5.45
N ASN A 71 2.05 8.49 -5.87
CA ASN A 71 2.45 7.89 -7.14
C ASN A 71 3.49 6.76 -6.90
N PRO A 72 3.05 5.54 -6.58
CA PRO A 72 3.79 4.30 -6.77
C PRO A 72 4.19 4.20 -8.23
N VAL A 73 5.50 4.23 -8.40
CA VAL A 73 6.18 3.96 -9.65
C VAL A 73 6.11 2.47 -10.00
N ARG A 74 5.67 1.63 -9.05
CA ARG A 74 5.15 0.27 -9.26
C ARG A 74 4.16 -0.16 -8.15
N VAL A 75 3.36 -1.20 -8.37
CA VAL A 75 2.56 -1.91 -7.33
C VAL A 75 2.63 -3.42 -7.54
N HIS A 76 2.52 -4.22 -6.47
CA HIS A 76 2.29 -5.67 -6.53
C HIS A 76 1.19 -6.07 -5.53
N ILE A 77 -0.01 -6.23 -6.07
CA ILE A 77 -1.30 -6.32 -5.37
C ILE A 77 -1.62 -7.75 -4.87
N GLU A 78 -0.58 -8.34 -4.32
CA GLU A 78 -0.46 -9.76 -3.99
C GLU A 78 -1.42 -10.18 -2.85
N ILE A 79 -2.06 -11.33 -3.03
CA ILE A 79 -3.18 -11.83 -2.21
C ILE A 79 -3.33 -13.36 -2.35
N GLY A 80 -4.28 -13.91 -1.58
CA GLY A 80 -4.85 -15.25 -1.65
C GLY A 80 -4.89 -15.94 -3.03
N PRO A 81 -6.01 -15.85 -3.77
CA PRO A 81 -6.16 -16.49 -5.08
C PRO A 81 -5.71 -15.60 -6.26
N ASP A 82 -6.21 -14.37 -6.36
CA ASP A 82 -6.17 -13.52 -7.57
C ASP A 82 -6.36 -12.00 -7.29
N GLY A 83 -6.49 -11.59 -6.02
CA GLY A 83 -6.81 -10.21 -5.61
C GLY A 83 -8.14 -10.01 -4.91
N ARG A 84 -8.68 -10.99 -4.14
CA ARG A 84 -10.11 -10.95 -3.73
C ARG A 84 -10.37 -11.26 -2.24
N VAL A 85 -9.37 -11.13 -1.34
CA VAL A 85 -9.44 -11.71 0.03
C VAL A 85 -9.00 -10.77 1.17
N THR A 86 -7.78 -10.95 1.69
CA THR A 86 -7.34 -10.47 3.03
C THR A 86 -6.05 -9.65 2.98
N GLY A 87 -5.43 -9.53 1.81
CA GLY A 87 -4.37 -8.56 1.56
C GLY A 87 -2.98 -8.95 2.02
N GLU A 88 -2.02 -9.01 1.09
CA GLU A 88 -0.66 -9.44 1.40
C GLU A 88 0.40 -8.74 0.51
N ALA A 89 0.21 -7.45 0.21
CA ALA A 89 0.77 -6.75 -0.94
C ALA A 89 1.91 -5.81 -0.57
N ASP A 90 2.65 -5.35 -1.59
CA ASP A 90 3.63 -4.28 -1.44
C ASP A 90 3.58 -3.31 -2.63
N VAL A 91 4.01 -2.09 -2.38
CA VAL A 91 3.79 -0.95 -3.29
C VAL A 91 5.00 -0.06 -3.28
N GLU A 92 5.34 0.48 -4.44
CA GLU A 92 6.72 0.82 -4.76
C GLU A 92 6.81 2.25 -5.25
N PHE A 93 7.46 3.11 -4.47
CA PHE A 93 7.18 4.54 -4.46
C PHE A 93 8.39 5.42 -4.80
N ALA A 94 8.13 6.70 -5.05
CA ALA A 94 9.09 7.80 -5.03
C ALA A 94 9.44 8.26 -3.59
N THR A 95 9.91 7.32 -2.79
CA THR A 95 10.96 7.46 -1.77
C THR A 95 10.45 7.02 -0.41
N HIS A 96 11.33 7.02 0.59
CA HIS A 96 10.92 7.05 1.98
C HIS A 96 9.82 8.07 2.15
N GLU A 97 9.99 9.25 1.59
CA GLU A 97 9.15 10.40 1.80
C GLU A 97 7.79 10.31 1.07
N GLU A 98 7.68 9.63 -0.08
CA GLU A 98 6.38 9.22 -0.63
C GLU A 98 5.66 8.20 0.27
N ALA A 99 6.40 7.19 0.71
CA ALA A 99 5.90 6.07 1.51
C ALA A 99 5.60 6.38 2.98
N VAL A 100 6.30 7.35 3.55
CA VAL A 100 6.16 7.84 4.92
C VAL A 100 4.98 8.80 4.99
N ALA A 101 4.71 9.49 3.88
CA ALA A 101 3.44 10.19 3.75
C ALA A 101 2.27 9.20 3.60
N ALA A 102 2.55 7.99 3.11
CA ALA A 102 1.63 6.85 3.13
C ALA A 102 1.45 6.22 4.54
N MET A 103 2.44 6.33 5.44
CA MET A 103 2.33 5.85 6.84
C MET A 103 1.27 6.61 7.64
N SER A 104 1.23 7.91 7.41
CA SER A 104 0.76 8.97 8.32
C SER A 104 -0.75 8.99 8.70
N LYS A 105 -1.50 7.96 8.31
CA LYS A 105 -2.95 7.75 8.51
C LYS A 105 -3.35 6.38 9.06
N ASP A 106 -2.52 5.36 8.86
CA ASP A 106 -2.76 3.90 8.87
C ASP A 106 -4.18 3.30 8.72
N ARG A 107 -5.13 3.68 9.56
CA ARG A 107 -6.50 3.14 9.72
C ARG A 107 -7.46 3.20 8.52
N ALA A 108 -7.03 3.47 7.29
CA ALA A 108 -7.81 4.38 6.45
C ALA A 108 -8.32 3.90 5.08
N ASN A 109 -8.19 2.61 4.82
CA ASN A 109 -8.51 2.00 3.54
C ASN A 109 -9.94 1.46 3.44
N MET A 110 -10.31 0.69 4.46
CA MET A 110 -11.28 -0.40 4.32
C MET A 110 -12.50 -0.11 5.17
N GLN A 111 -13.47 0.54 4.51
CA GLN A 111 -14.66 1.12 5.15
C GLN A 111 -14.28 2.15 6.25
N HIS A 112 -13.09 2.78 6.13
CA HIS A 112 -12.39 3.57 7.14
C HIS A 112 -12.30 2.84 8.50
N ARG A 113 -11.29 1.98 8.68
CA ARG A 113 -11.20 1.04 9.82
C ARG A 113 -9.77 0.62 10.23
N TYR A 114 -8.99 -0.04 9.35
CA TYR A 114 -7.50 -0.24 9.40
C TYR A 114 -6.90 -1.35 8.52
N ILE A 115 -5.62 -1.10 8.16
CA ILE A 115 -4.66 -1.98 7.48
C ILE A 115 -3.31 -1.87 8.19
N GLU A 116 -2.55 -2.97 8.22
CA GLU A 116 -1.13 -2.98 8.57
C GLU A 116 -0.27 -2.30 7.50
N LEU A 117 -0.32 -0.96 7.48
CA LEU A 117 0.57 -0.13 6.67
C LEU A 117 1.95 0.06 7.32
N PHE A 118 3.01 -0.44 6.67
CA PHE A 118 4.37 -0.40 7.20
C PHE A 118 5.48 -0.24 6.15
N LEU A 119 6.36 0.75 6.38
CA LEU A 119 7.64 0.87 5.70
C LEU A 119 8.56 -0.32 6.00
N ASN A 120 9.48 -0.51 5.08
CA ASN A 120 10.48 -1.58 5.09
C ASN A 120 11.74 -1.19 4.30
N SER A 121 11.83 0.07 3.87
CA SER A 121 12.73 0.50 2.77
C SER A 121 13.46 1.82 3.06
N THR A 122 14.25 2.29 2.08
CA THR A 122 15.08 3.52 2.13
C THR A 122 14.76 4.44 0.94
N THR A 123 15.04 5.74 1.03
CA THR A 123 14.93 6.74 -0.04
C THR A 123 15.95 6.57 -1.18
N GLY A 124 15.84 5.42 -1.88
CA GLY A 124 15.91 5.39 -3.34
C GLY A 124 14.57 5.80 -3.96
N ALA A 125 14.52 5.95 -5.29
CA ALA A 125 13.32 6.41 -6.02
C ALA A 125 13.00 5.52 -7.24
N THR A 45 10.43 3.12 -6.54
CA THR A 45 10.83 1.70 -6.74
C THR A 45 11.87 1.25 -5.73
N GLY A 46 12.91 2.06 -5.45
CA GLY A 46 13.86 1.83 -4.35
C GLY A 46 13.15 1.72 -3.00
N HIS A 47 12.17 2.60 -2.75
CA HIS A 47 11.19 2.37 -1.71
C HIS A 47 10.16 1.29 -2.09
N CYS A 48 9.75 0.47 -1.12
CA CYS A 48 8.42 -0.15 -1.13
C CYS A 48 7.76 -0.24 0.25
N VAL A 49 6.43 -0.33 0.28
CA VAL A 49 5.64 -0.33 1.52
C VAL A 49 4.79 -1.59 1.54
N HIS A 50 4.82 -2.30 2.65
CA HIS A 50 4.13 -3.56 2.86
C HIS A 50 2.78 -3.33 3.56
N MET A 51 1.81 -4.18 3.20
CA MET A 51 0.39 -4.00 3.54
C MET A 51 -0.26 -5.34 3.82
N ARG A 52 -0.86 -5.48 5.00
CA ARG A 52 -1.55 -6.73 5.37
C ARG A 52 -2.91 -6.51 6.01
N GLY A 53 -3.87 -7.34 5.61
CA GLY A 53 -5.25 -7.35 6.10
C GLY A 53 -6.26 -6.82 5.08
N LEU A 54 -5.79 -6.56 3.84
CA LEU A 54 -6.59 -5.89 2.80
C LEU A 54 -7.93 -6.63 2.51
N PRO A 55 -8.97 -5.89 2.08
CA PRO A 55 -10.29 -6.46 1.82
C PRO A 55 -10.30 -7.38 0.59
N TYR A 56 -11.36 -8.19 0.44
CA TYR A 56 -11.53 -9.13 -0.68
C TYR A 56 -11.68 -8.46 -2.07
N LYS A 57 -11.71 -7.13 -2.15
CA LYS A 57 -11.68 -6.33 -3.40
C LYS A 57 -10.41 -5.49 -3.58
N ALA A 58 -9.35 -5.71 -2.79
CA ALA A 58 -8.08 -5.02 -2.89
C ALA A 58 -7.45 -5.11 -4.30
N THR A 59 -7.41 -3.98 -5.00
CA THR A 59 -6.65 -3.76 -6.24
C THR A 59 -5.44 -2.90 -5.97
N GLU A 60 -4.51 -2.88 -6.93
CA GLU A 60 -3.34 -2.01 -6.82
C GLU A 60 -3.73 -0.54 -6.76
N ASN A 61 -4.56 -0.08 -7.69
CA ASN A 61 -4.98 1.31 -7.69
C ASN A 61 -5.86 1.65 -6.49
N ASP A 62 -6.66 0.66 -6.07
CA ASP A 62 -7.51 0.76 -4.89
C ASP A 62 -6.70 1.15 -3.64
N ILE A 63 -5.60 0.43 -3.39
CA ILE A 63 -4.76 0.66 -2.22
C ILE A 63 -4.01 1.98 -2.29
N TYR A 64 -3.37 2.30 -3.41
CA TYR A 64 -2.49 3.46 -3.41
C TYR A 64 -3.26 4.77 -3.55
N ASN A 65 -4.41 4.72 -4.21
CA ASN A 65 -5.29 5.88 -4.31
C ASN A 65 -6.09 6.13 -3.03
N PHE A 66 -6.19 5.13 -2.12
CA PHE A 66 -6.52 5.48 -0.75
C PHE A 66 -5.31 6.15 -0.10
N PHE A 67 -4.13 5.47 -0.08
CA PHE A 67 -2.99 5.71 0.83
C PHE A 67 -2.89 7.20 1.13
N SER A 68 -2.53 7.98 0.11
CA SER A 68 -2.63 9.45 0.05
C SER A 68 -2.60 9.92 -1.42
N PRO A 69 -2.49 11.24 -1.70
CA PRO A 69 -2.20 11.79 -3.04
C PRO A 69 -0.89 11.35 -3.77
N LEU A 70 -0.41 10.13 -3.51
CA LEU A 70 0.90 9.59 -3.87
C LEU A 70 0.99 9.02 -5.29
N ASN A 71 2.20 8.63 -5.70
CA ASN A 71 2.56 7.94 -6.94
C ASN A 71 3.55 6.78 -6.65
N PRO A 72 3.04 5.57 -6.34
CA PRO A 72 3.73 4.32 -6.56
C PRO A 72 3.93 4.13 -8.05
N VAL A 73 5.18 4.32 -8.42
CA VAL A 73 5.70 4.07 -9.75
C VAL A 73 5.67 2.59 -10.12
N ARG A 74 5.35 1.74 -9.14
CA ARG A 74 5.01 0.32 -9.28
C ARG A 74 4.07 -0.13 -8.14
N VAL A 75 3.27 -1.18 -8.34
CA VAL A 75 2.52 -1.87 -7.26
C VAL A 75 2.64 -3.39 -7.42
N HIS A 76 2.51 -4.11 -6.30
CA HIS A 76 2.67 -5.55 -6.17
C HIS A 76 1.56 -6.08 -5.24
N ILE A 77 0.36 -6.14 -5.81
CA ILE A 77 -0.94 -6.39 -5.15
C ILE A 77 -1.18 -7.86 -4.74
N GLU A 78 -0.13 -8.46 -4.25
CA GLU A 78 0.01 -9.89 -3.98
C GLU A 78 -0.96 -10.39 -2.90
N ILE A 79 -1.59 -11.53 -3.16
CA ILE A 79 -2.73 -12.09 -2.41
C ILE A 79 -2.88 -13.60 -2.64
N GLY A 80 -3.90 -14.19 -2.03
CA GLY A 80 -4.42 -15.54 -2.22
C GLY A 80 -4.28 -16.10 -3.65
N PRO A 81 -5.25 -15.84 -4.55
CA PRO A 81 -5.12 -16.02 -5.98
C PRO A 81 -4.43 -14.82 -6.65
N ASP A 82 -5.17 -13.72 -6.77
CA ASP A 82 -5.09 -12.79 -7.91
C ASP A 82 -5.78 -11.43 -7.63
N GLY A 83 -6.12 -11.15 -6.36
CA GLY A 83 -6.67 -9.88 -5.85
C GLY A 83 -7.88 -9.96 -4.91
N ARG A 84 -8.26 -11.13 -4.38
CA ARG A 84 -9.69 -11.41 -4.08
C ARG A 84 -9.97 -11.82 -2.61
N VAL A 85 -9.02 -11.61 -1.68
CA VAL A 85 -8.99 -12.34 -0.39
C VAL A 85 -8.70 -11.48 0.85
N THR A 86 -7.45 -11.44 1.29
CA THR A 86 -7.06 -11.05 2.68
C THR A 86 -5.87 -10.08 2.76
N GLY A 87 -5.20 -9.83 1.64
CA GLY A 87 -4.21 -8.76 1.49
C GLY A 87 -2.84 -9.03 2.07
N GLU A 88 -1.84 -9.14 1.20
CA GLU A 88 -0.50 -9.59 1.57
C GLU A 88 0.59 -8.91 0.69
N ALA A 89 0.43 -7.61 0.42
CA ALA A 89 0.92 -6.91 -0.76
C ALA A 89 1.98 -5.84 -0.45
N ASP A 90 2.56 -5.28 -1.52
CA ASP A 90 3.50 -4.16 -1.46
C ASP A 90 3.29 -3.16 -2.61
N VAL A 91 3.85 -1.96 -2.43
CA VAL A 91 3.70 -0.80 -3.32
C VAL A 91 4.96 0.03 -3.32
N GLU A 92 5.37 0.50 -4.49
CA GLU A 92 6.75 0.83 -4.78
C GLU A 92 6.84 2.29 -5.21
N PHE A 93 7.41 3.13 -4.35
CA PHE A 93 7.09 4.56 -4.30
C PHE A 93 8.25 5.47 -4.73
N ALA A 94 7.93 6.76 -4.95
CA ALA A 94 8.87 7.86 -4.95
C ALA A 94 9.35 8.26 -3.53
N THR A 95 9.79 7.28 -2.77
CA THR A 95 10.89 7.30 -1.80
C THR A 95 10.40 6.93 -0.42
N HIS A 96 11.36 6.79 0.49
CA HIS A 96 11.16 6.98 1.93
C HIS A 96 10.08 8.03 2.17
N GLU A 97 10.25 9.22 1.62
CA GLU A 97 9.35 10.34 1.88
C GLU A 97 7.95 10.19 1.28
N GLU A 98 7.78 9.58 0.09
CA GLU A 98 6.45 9.24 -0.42
C GLU A 98 5.69 8.23 0.45
N ALA A 99 6.41 7.33 1.09
CA ALA A 99 5.86 6.13 1.67
C ALA A 99 5.61 6.28 3.14
N VAL A 100 6.57 6.91 3.82
CA VAL A 100 6.46 7.54 5.11
C VAL A 100 5.31 8.52 5.14
N ALA A 101 4.99 9.17 4.03
CA ALA A 101 3.80 9.99 4.02
C ALA A 101 2.53 9.12 3.98
N ALA A 102 2.55 8.05 3.17
CA ALA A 102 1.57 6.95 3.19
C ALA A 102 1.38 6.29 4.58
N MET A 103 2.32 6.43 5.51
CA MET A 103 2.21 5.94 6.91
C MET A 103 1.30 6.79 7.79
N SER A 104 1.28 8.10 7.54
CA SER A 104 0.74 9.18 8.39
C SER A 104 -0.80 9.23 8.57
N LYS A 105 -1.49 8.10 8.32
CA LYS A 105 -2.94 7.88 8.49
C LYS A 105 -3.37 6.50 9.02
N ASP A 106 -2.54 5.46 8.82
CA ASP A 106 -2.73 4.01 8.87
C ASP A 106 -4.13 3.33 8.88
N ARG A 107 -5.09 3.82 9.69
CA ARG A 107 -6.41 3.23 9.98
C ARG A 107 -7.44 3.25 8.83
N ALA A 108 -7.04 3.37 7.57
CA ALA A 108 -7.75 4.30 6.67
C ALA A 108 -8.16 3.70 5.33
N ASN A 109 -7.88 2.41 5.18
CA ASN A 109 -7.47 1.80 3.93
C ASN A 109 -8.49 0.80 3.41
N MET A 110 -9.28 0.26 4.33
CA MET A 110 -10.44 -0.58 4.05
C MET A 110 -11.63 -0.04 4.84
N GLN A 111 -12.63 0.43 4.11
CA GLN A 111 -13.90 0.95 4.61
C GLN A 111 -13.78 1.98 5.76
N HIS A 112 -12.63 2.68 5.87
CA HIS A 112 -12.13 3.38 7.07
C HIS A 112 -12.25 2.54 8.36
N ARG A 113 -11.15 1.88 8.78
CA ARG A 113 -11.17 0.86 9.86
C ARG A 113 -9.76 0.58 10.43
N TYR A 114 -8.89 -0.04 9.61
CA TYR A 114 -7.43 -0.25 9.75
C TYR A 114 -6.88 -1.38 8.87
N ILE A 115 -5.62 -1.18 8.47
CA ILE A 115 -4.73 -2.10 7.75
C ILE A 115 -3.31 -1.92 8.30
N GLU A 116 -2.50 -2.98 8.24
CA GLU A 116 -1.07 -2.91 8.54
C GLU A 116 -0.27 -2.20 7.45
N LEU A 117 -0.40 -0.87 7.39
CA LEU A 117 0.39 0.01 6.54
C LEU A 117 1.80 0.28 7.10
N PHE A 118 2.82 -0.40 6.57
CA PHE A 118 4.21 -0.21 7.03
C PHE A 118 5.31 -0.46 6.04
N LEU A 119 6.41 0.22 6.30
CA LEU A 119 7.47 0.45 5.36
C LEU A 119 8.83 -0.02 5.84
N ASN A 120 9.66 -0.38 4.87
CA ASN A 120 10.71 -1.39 5.05
C ASN A 120 12.10 -0.88 4.64
N SER A 121 12.21 0.41 4.32
CA SER A 121 12.60 0.74 2.95
C SER A 121 13.40 2.03 2.76
N THR A 122 14.28 2.00 1.76
CA THR A 122 15.29 3.03 1.40
C THR A 122 14.71 4.18 0.56
N THR A 123 15.55 5.06 0.03
CA THR A 123 15.20 6.10 -0.95
C THR A 123 16.29 6.18 -2.01
N GLY A 124 15.94 6.01 -3.29
CA GLY A 124 16.89 6.08 -4.40
C GLY A 124 16.41 5.69 -5.82
N ALA A 125 15.19 5.94 -6.28
CA ALA A 125 14.04 6.58 -5.63
C ALA A 125 13.13 5.50 -5.01
#